data_3TI2
#
_entry.id   3TI2
#
_cell.length_a   77.758
_cell.length_b   40.072
_cell.length_c   133.861
_cell.angle_alpha   90.00
_cell.angle_beta   90.33
_cell.angle_gamma   90.00
#
_symmetry.space_group_name_H-M   'P 1 21 1'
#
loop_
_entity.id
_entity.type
_entity.pdbx_description
1 polymer '3-phosphoshikimate 1-carboxyvinyltransferase'
2 non-polymer 'CHLORIDE ION'
3 non-polymer 'TETRAETHYLENE GLYCOL'
4 water water
#
_entity_poly.entity_id   1
_entity_poly.type   'polypeptide(L)'
_entity_poly.pdbx_seq_one_letter_code
;VNLPGSKSVSNRALLLAALASGTTRLTNLLDSDDIRHMLNALTKLGVNYRLSADKTTCEVEGLGQAFHTTQPLELFLGNA
GTAMRPLAAALCLGQGDYVLTGEPRMKERPIGHLVDALRQAGAQIEYLEQENFPPLRIQGTGLQAGTVTIDGSISSQFLT
AFLMSAPLAQGKVTIKIVGELVSKPYIDITLHIMEQFGVQVINHDYQEFVIPAGQSYVSPGQFLVEGD
;
_entity_poly.pdbx_strand_id   A,B,C,D
#
# COMPACT_ATOMS: atom_id res chain seq x y z
N ASN A 2 -18.05 5.02 15.94
CA ASN A 2 -17.11 4.23 15.03
C ASN A 2 -17.56 2.80 14.80
N LEU A 3 -17.57 2.38 13.54
CA LEU A 3 -18.03 1.03 13.27
C LEU A 3 -16.85 0.12 13.05
N PRO A 4 -16.95 -1.12 13.49
CA PRO A 4 -15.82 -2.05 13.35
C PRO A 4 -15.63 -2.51 11.90
N GLY A 5 -14.43 -2.99 11.59
CA GLY A 5 -14.11 -3.50 10.29
C GLY A 5 -14.89 -4.74 9.90
N SER A 6 -15.18 -4.87 8.60
CA SER A 6 -15.76 -6.08 8.04
C SER A 6 -14.80 -7.24 8.35
N LYS A 7 -15.37 -8.37 8.73
CA LYS A 7 -14.59 -9.53 8.99
C LYS A 7 -13.90 -10.02 7.68
N SER A 8 -14.67 -10.13 6.57
CA SER A 8 -14.04 -10.69 5.35
C SER A 8 -13.04 -9.72 4.78
N VAL A 9 -13.28 -8.42 4.92
CA VAL A 9 -12.27 -7.48 4.40
C VAL A 9 -11.00 -7.54 5.27
N SER A 10 -11.19 -7.57 6.61
CA SER A 10 -10.03 -7.71 7.52
C SER A 10 -9.17 -8.91 7.11
N ASN A 11 -9.75 -10.11 6.88
CA ASN A 11 -8.89 -11.25 6.62
C ASN A 11 -8.27 -11.22 5.24
N ARG A 12 -9.01 -10.66 4.27
CA ARG A 12 -8.45 -10.61 2.92
C ARG A 12 -7.31 -9.63 2.88
N ALA A 13 -7.47 -8.49 3.57
CA ALA A 13 -6.40 -7.48 3.56
C ALA A 13 -5.22 -8.00 4.35
N LEU A 14 -5.45 -8.83 5.40
CA LEU A 14 -4.27 -9.42 6.12
C LEU A 14 -3.50 -10.32 5.17
N LEU A 15 -4.22 -11.07 4.36
CA LEU A 15 -3.51 -12.00 3.44
C LEU A 15 -2.72 -11.20 2.32
N LEU A 16 -3.36 -10.20 1.73
CA LEU A 16 -2.61 -9.40 0.75
C LEU A 16 -1.46 -8.69 1.40
N ALA A 17 -1.63 -8.19 2.61
CA ALA A 17 -0.50 -7.50 3.27
C ALA A 17 0.65 -8.51 3.45
N ALA A 18 0.32 -9.78 3.67
CA ALA A 18 1.37 -10.77 3.86
C ALA A 18 2.11 -11.10 2.58
N LEU A 19 1.39 -11.08 1.47
CA LEU A 19 1.97 -11.39 0.16
C LEU A 19 2.72 -10.18 -0.45
N ALA A 20 2.38 -8.98 0.03
CA ALA A 20 2.87 -7.70 -0.53
C ALA A 20 4.29 -7.38 -0.12
N SER A 21 4.98 -6.51 -0.87
CA SER A 21 6.31 -5.99 -0.46
CA SER A 21 6.30 -6.05 -0.43
C SER A 21 6.04 -4.84 0.46
N GLY A 22 6.85 -4.68 1.51
CA GLY A 22 6.63 -3.57 2.37
C GLY A 22 5.84 -3.96 3.59
N THR A 23 5.73 -3.05 4.56
CA THR A 23 4.92 -3.27 5.76
C THR A 23 3.65 -2.46 5.63
N THR A 24 2.50 -3.07 5.93
CA THR A 24 1.21 -2.42 5.80
C THR A 24 0.64 -2.29 7.18
N ARG A 25 0.25 -1.08 7.53
CA ARG A 25 -0.47 -0.83 8.77
C ARG A 25 -1.98 -0.94 8.50
N LEU A 26 -2.59 -2.04 8.89
CA LEU A 26 -4.05 -2.16 8.75
C LEU A 26 -4.67 -1.47 9.92
N THR A 27 -5.72 -0.71 9.67
CA THR A 27 -6.46 -0.02 10.72
C THR A 27 -7.93 -0.39 10.63
N ASN A 28 -8.63 -0.32 11.76
CA ASN A 28 -10.06 -0.69 11.87
C ASN A 28 -10.19 -2.19 11.68
N LEU A 29 -9.10 -2.91 11.93
CA LEU A 29 -9.17 -4.36 11.82
C LEU A 29 -10.23 -4.86 12.81
N LEU A 30 -11.00 -5.88 12.43
CA LEU A 30 -11.98 -6.43 13.36
C LEU A 30 -11.35 -7.21 14.56
N ASP A 31 -11.82 -6.90 15.78
CA ASP A 31 -11.37 -7.61 16.99
C ASP A 31 -12.28 -8.83 17.07
N SER A 32 -11.85 -9.92 16.47
CA SER A 32 -12.66 -11.12 16.38
C SER A 32 -11.75 -12.33 16.36
N ASP A 33 -12.21 -13.46 16.88
CA ASP A 33 -11.37 -14.67 16.78
C ASP A 33 -11.11 -15.09 15.33
N ASP A 34 -12.00 -14.75 14.37
CA ASP A 34 -11.72 -15.19 13.01
C ASP A 34 -10.53 -14.48 12.38
N ILE A 35 -10.25 -13.26 12.85
CA ILE A 35 -9.09 -12.51 12.42
C ILE A 35 -7.89 -13.14 13.13
N ARG A 36 -8.04 -13.50 14.40
CA ARG A 36 -6.98 -14.18 15.11
C ARG A 36 -6.64 -15.50 14.43
N HIS A 37 -7.63 -16.25 13.96
CA HIS A 37 -7.23 -17.51 13.23
C HIS A 37 -6.37 -17.19 12.00
N MET A 38 -6.71 -16.10 11.30
CA MET A 38 -5.86 -15.74 10.12
C MET A 38 -4.44 -15.31 10.60
N LEU A 39 -4.36 -14.49 11.66
CA LEU A 39 -3.04 -14.09 12.17
C LEU A 39 -2.22 -15.30 12.54
N ASN A 40 -2.89 -16.31 13.10
CA ASN A 40 -2.19 -17.54 13.53
C ASN A 40 -1.65 -18.35 12.37
N ALA A 41 -2.44 -18.38 11.32
CA ALA A 41 -2.00 -19.04 10.07
C ALA A 41 -0.75 -18.28 9.55
N LEU A 42 -0.84 -16.94 9.48
CA LEU A 42 0.27 -16.13 9.00
C LEU A 42 1.50 -16.37 9.84
N THR A 43 1.35 -16.44 11.16
CA THR A 43 2.46 -16.71 12.03
C THR A 43 3.07 -18.07 11.69
N LYS A 44 2.22 -19.07 11.47
CA LYS A 44 2.75 -20.43 11.16
C LYS A 44 3.43 -20.46 9.80
N LEU A 45 3.01 -19.57 8.93
CA LEU A 45 3.57 -19.45 7.58
C LEU A 45 4.81 -18.52 7.53
N GLY A 46 5.25 -18.03 8.69
CA GLY A 46 6.48 -17.24 8.78
C GLY A 46 6.33 -15.73 8.60
N VAL A 47 5.11 -15.23 8.80
CA VAL A 47 4.89 -13.80 8.63
C VAL A 47 4.97 -13.12 10.01
N ASN A 48 5.73 -12.05 10.10
CA ASN A 48 5.83 -11.28 11.36
C ASN A 48 4.82 -10.09 11.33
N TYR A 49 4.28 -9.73 12.46
CA TYR A 49 3.38 -8.51 12.52
C TYR A 49 3.44 -7.91 13.91
N ARG A 50 2.91 -6.71 14.07
CA ARG A 50 2.85 -6.07 15.37
C ARG A 50 1.37 -5.75 15.51
N LEU A 51 0.74 -6.30 16.54
CA LEU A 51 -0.69 -6.04 16.76
C LEU A 51 -0.87 -5.07 17.96
N SER A 52 -1.67 -4.01 17.81
CA SER A 52 -1.84 -3.03 18.89
C SER A 52 -2.64 -3.62 20.07
N ALA A 53 -2.54 -2.96 21.22
CA ALA A 53 -3.18 -3.44 22.43
C ALA A 53 -4.73 -3.51 22.21
N ASP A 54 -5.30 -2.56 21.48
CA ASP A 54 -6.74 -2.61 21.23
C ASP A 54 -7.18 -3.59 20.10
N LYS A 55 -6.21 -4.28 19.50
CA LYS A 55 -6.45 -5.32 18.48
C LYS A 55 -7.01 -4.80 17.15
N THR A 56 -7.16 -3.50 16.96
CA THR A 56 -7.74 -3.04 15.71
C THR A 56 -6.66 -2.43 14.75
N THR A 57 -5.41 -2.44 15.18
CA THR A 57 -4.34 -1.95 14.38
C THR A 57 -3.31 -3.08 14.25
N CYS A 58 -2.95 -3.44 13.01
CA CYS A 58 -1.96 -4.52 12.84
C CYS A 58 -0.98 -4.16 11.73
N GLU A 59 0.35 -4.13 12.04
CA GLU A 59 1.34 -3.88 11.01
C GLU A 59 1.90 -5.21 10.52
N VAL A 60 1.60 -5.55 9.26
CA VAL A 60 2.02 -6.79 8.72
C VAL A 60 3.28 -6.56 7.86
N GLU A 61 4.30 -7.34 8.16
CA GLU A 61 5.57 -7.23 7.39
C GLU A 61 5.47 -8.25 6.28
N GLY A 62 5.29 -7.74 5.06
CA GLY A 62 5.01 -8.59 3.91
C GLY A 62 6.19 -9.38 3.42
N LEU A 63 5.91 -10.58 2.89
CA LEU A 63 6.96 -11.44 2.34
C LEU A 63 7.39 -11.01 0.93
N GLY A 64 6.54 -10.25 0.24
CA GLY A 64 6.79 -9.80 -1.16
C GLY A 64 6.70 -10.92 -2.19
N GLN A 65 6.12 -12.05 -1.78
CA GLN A 65 5.93 -13.18 -2.66
C GLN A 65 5.10 -14.25 -1.92
N ALA A 66 4.85 -15.36 -2.62
CA ALA A 66 4.07 -16.44 -2.04
C ALA A 66 4.74 -17.08 -0.80
N PHE A 67 3.96 -17.82 0.00
CA PHE A 67 4.54 -18.58 1.11
C PHE A 67 5.48 -19.70 0.63
N HIS A 68 6.54 -19.90 1.36
CA HIS A 68 7.50 -20.98 1.07
C HIS A 68 7.87 -21.56 2.40
N THR A 69 7.22 -22.65 2.77
CA THR A 69 7.51 -23.30 4.01
C THR A 69 8.12 -24.66 3.66
N THR A 70 8.75 -25.29 4.61
CA THR A 70 9.40 -26.52 4.25
C THR A 70 8.68 -27.63 4.97
N GLN A 71 8.71 -27.57 6.30
CA GLN A 71 8.01 -28.56 7.11
C GLN A 71 6.47 -28.63 6.78
N PRO A 72 5.93 -29.84 6.51
CA PRO A 72 4.48 -30.06 6.30
C PRO A 72 3.82 -29.51 7.55
N LEU A 73 2.77 -28.73 7.31
CA LEU A 73 2.08 -27.95 8.34
CA LEU A 73 2.10 -27.94 8.32
C LEU A 73 0.56 -28.15 8.35
N GLU A 74 -0.02 -28.27 9.54
CA GLU A 74 -1.46 -28.32 9.64
C GLU A 74 -1.88 -26.88 10.01
N LEU A 75 -2.84 -26.30 9.29
CA LEU A 75 -3.33 -24.97 9.60
C LEU A 75 -4.76 -25.18 10.07
N PHE A 76 -4.94 -25.12 11.37
CA PHE A 76 -6.23 -25.37 12.01
C PHE A 76 -6.86 -23.96 12.16
N LEU A 77 -8.07 -23.74 11.61
CA LEU A 77 -8.64 -22.37 11.59
C LEU A 77 -9.96 -22.25 12.32
N GLY A 78 -10.17 -23.13 13.33
CA GLY A 78 -11.48 -23.11 14.10
C GLY A 78 -12.68 -23.16 13.12
N ASN A 79 -13.58 -22.18 13.22
CA ASN A 79 -14.62 -22.06 12.27
C ASN A 79 -14.51 -20.78 11.37
N ALA A 80 -13.27 -20.34 11.12
CA ALA A 80 -13.05 -19.12 10.30
C ALA A 80 -13.16 -19.31 8.76
N GLY A 81 -14.35 -19.41 8.20
CA GLY A 81 -14.48 -19.51 6.73
C GLY A 81 -13.75 -18.38 5.98
N THR A 82 -13.79 -17.16 6.57
CA THR A 82 -13.20 -16.00 5.85
C THR A 82 -11.69 -16.09 5.88
N ALA A 83 -11.11 -17.03 6.65
CA ALA A 83 -9.63 -17.24 6.56
C ALA A 83 -9.38 -18.49 5.66
N MET A 84 -10.22 -19.53 5.79
CA MET A 84 -10.08 -20.80 4.98
C MET A 84 -10.15 -20.58 3.45
N ARG A 85 -11.12 -19.79 3.00
CA ARG A 85 -11.30 -19.63 1.58
C ARG A 85 -10.12 -18.90 0.88
N PRO A 86 -9.76 -17.69 1.35
CA PRO A 86 -8.62 -17.01 0.70
C PRO A 86 -7.33 -17.86 0.83
N LEU A 87 -7.13 -18.57 1.95
CA LEU A 87 -5.90 -19.40 2.05
C LEU A 87 -5.88 -20.63 1.17
N ALA A 88 -7.04 -21.23 0.92
CA ALA A 88 -7.10 -22.46 0.05
C ALA A 88 -6.48 -22.09 -1.30
N ALA A 89 -6.75 -20.87 -1.76
CA ALA A 89 -6.19 -20.44 -3.02
C ALA A 89 -4.70 -20.05 -2.87
N ALA A 90 -4.43 -19.23 -1.87
CA ALA A 90 -3.09 -18.63 -1.81
C ALA A 90 -1.99 -19.67 -1.50
N LEU A 91 -2.34 -20.70 -0.73
CA LEU A 91 -1.44 -21.79 -0.39
C LEU A 91 -0.95 -22.59 -1.62
N CYS A 92 -1.69 -22.53 -2.72
CA CYS A 92 -1.22 -23.18 -3.98
C CYS A 92 -0.04 -22.46 -4.66
N LEU A 93 0.12 -21.18 -4.38
CA LEU A 93 1.07 -20.34 -5.12
C LEU A 93 2.53 -20.55 -4.87
N GLY A 94 2.92 -20.96 -3.67
CA GLY A 94 4.40 -20.98 -3.42
C GLY A 94 4.89 -22.39 -3.22
N GLN A 95 5.54 -22.67 -2.08
CA GLN A 95 6.09 -24.01 -1.84
C GLN A 95 5.66 -24.43 -0.44
N GLY A 96 5.32 -25.71 -0.29
CA GLY A 96 4.95 -26.21 1.03
C GLY A 96 3.95 -27.31 0.92
N ASP A 97 3.55 -27.83 2.06
CA ASP A 97 2.67 -28.98 2.08
C ASP A 97 1.73 -28.73 3.26
N TYR A 98 0.46 -28.48 2.97
CA TYR A 98 -0.44 -28.05 4.04
C TYR A 98 -1.67 -28.84 4.18
N VAL A 99 -2.13 -28.96 5.41
CA VAL A 99 -3.46 -29.45 5.64
C VAL A 99 -4.25 -28.25 6.14
N LEU A 100 -5.27 -27.89 5.37
CA LEU A 100 -6.14 -26.77 5.77
C LEU A 100 -7.40 -27.35 6.40
N THR A 101 -7.62 -27.03 7.69
CA THR A 101 -8.69 -27.69 8.42
C THR A 101 -9.26 -26.77 9.54
N GLY A 102 -10.10 -27.33 10.39
CA GLY A 102 -10.67 -26.55 11.48
C GLY A 102 -11.55 -27.48 12.30
N GLU A 103 -12.37 -26.90 13.14
CA GLU A 103 -13.29 -27.64 14.00
C GLU A 103 -14.35 -28.38 13.14
N PRO A 104 -15.16 -29.29 13.75
CA PRO A 104 -16.14 -30.06 12.95
C PRO A 104 -17.02 -29.19 12.02
N ARG A 105 -17.41 -27.99 12.45
CA ARG A 105 -18.24 -27.13 11.61
C ARG A 105 -17.47 -26.61 10.42
N MET A 106 -16.16 -26.42 10.56
CA MET A 106 -15.39 -25.97 9.36
C MET A 106 -15.62 -26.99 8.22
N LYS A 107 -15.70 -28.28 8.60
CA LYS A 107 -15.86 -29.34 7.63
C LYS A 107 -17.25 -29.33 6.97
N GLU A 108 -18.13 -28.47 7.43
CA GLU A 108 -19.40 -28.37 6.77
C GLU A 108 -19.44 -27.17 5.84
N ARG A 109 -18.34 -26.44 5.72
CA ARG A 109 -18.29 -25.30 4.78
C ARG A 109 -17.92 -25.83 3.37
N PRO A 110 -18.80 -25.65 2.38
CA PRO A 110 -18.54 -26.13 1.02
C PRO A 110 -17.34 -25.35 0.36
N ILE A 111 -16.54 -26.03 -0.47
CA ILE A 111 -15.33 -25.34 -1.01
C ILE A 111 -15.01 -25.84 -2.42
N GLY A 112 -15.80 -26.80 -2.90
CA GLY A 112 -15.57 -27.43 -4.19
C GLY A 112 -15.48 -26.51 -5.42
N HIS A 113 -16.35 -25.47 -5.46
CA HIS A 113 -16.27 -24.55 -6.60
C HIS A 113 -14.97 -23.80 -6.65
N LEU A 114 -14.39 -23.48 -5.50
CA LEU A 114 -13.08 -22.82 -5.50
C LEU A 114 -12.01 -23.86 -5.89
N VAL A 115 -12.09 -25.06 -5.30
CA VAL A 115 -11.08 -26.10 -5.68
C VAL A 115 -11.08 -26.32 -7.18
N ASP A 116 -12.29 -26.41 -7.76
CA ASP A 116 -12.39 -26.62 -9.22
C ASP A 116 -11.67 -25.53 -10.02
N ALA A 117 -11.85 -24.28 -9.63
CA ALA A 117 -11.19 -23.13 -10.35
C ALA A 117 -9.68 -23.23 -10.23
N LEU A 118 -9.15 -23.42 -9.00
CA LEU A 118 -7.71 -23.60 -8.78
C LEU A 118 -7.10 -24.79 -9.58
N ARG A 119 -7.80 -25.90 -9.60
CA ARG A 119 -7.35 -27.07 -10.40
C ARG A 119 -7.30 -26.74 -11.91
N GLN A 120 -8.17 -25.86 -12.40
CA GLN A 120 -8.07 -25.50 -13.84
C GLN A 120 -6.73 -24.85 -14.08
N ALA A 121 -6.18 -24.19 -13.03
CA ALA A 121 -4.87 -23.55 -13.13
C ALA A 121 -3.75 -24.42 -12.61
N GLY A 122 -3.96 -25.72 -12.55
CA GLY A 122 -2.87 -26.66 -12.20
C GLY A 122 -2.64 -26.94 -10.72
N ALA A 123 -3.56 -26.48 -9.86
CA ALA A 123 -3.33 -26.64 -8.40
C ALA A 123 -3.39 -28.14 -8.00
N GLN A 124 -2.61 -28.51 -6.97
N GLN A 124 -2.65 -28.48 -6.96
CA GLN A 124 -2.61 -29.88 -6.44
CA GLN A 124 -2.62 -29.83 -6.44
C GLN A 124 -3.32 -29.80 -5.08
C GLN A 124 -3.31 -29.80 -5.07
N ILE A 125 -4.58 -30.19 -5.08
CA ILE A 125 -5.44 -30.15 -3.89
C ILE A 125 -6.16 -31.48 -3.73
N GLU A 126 -6.15 -32.02 -2.53
CA GLU A 126 -6.79 -33.29 -2.27
CA GLU A 126 -6.78 -33.30 -2.25
C GLU A 126 -7.80 -33.14 -1.14
N TYR A 127 -8.98 -33.73 -1.34
CA TYR A 127 -9.98 -33.74 -0.27
C TYR A 127 -9.58 -34.87 0.69
N LEU A 128 -9.39 -34.57 1.98
CA LEU A 128 -8.98 -35.64 2.89
C LEU A 128 -10.09 -36.44 3.50
N GLU A 129 -11.30 -35.88 3.60
CA GLU A 129 -12.43 -36.62 4.15
C GLU A 129 -13.56 -36.69 3.17
N GLN A 130 -14.36 -35.64 3.06
CA GLN A 130 -15.43 -35.65 2.09
C GLN A 130 -15.16 -34.75 0.88
N GLU A 131 -15.51 -35.25 -0.31
CA GLU A 131 -15.37 -34.49 -1.54
C GLU A 131 -16.14 -33.15 -1.40
N ASN A 132 -15.52 -32.05 -1.85
CA ASN A 132 -16.19 -30.72 -1.81
C ASN A 132 -16.15 -29.94 -0.47
N PHE A 133 -15.44 -30.48 0.51
CA PHE A 133 -15.39 -29.89 1.84
C PHE A 133 -14.01 -29.95 2.42
N PRO A 134 -13.69 -29.05 3.36
CA PRO A 134 -12.46 -29.25 4.08
C PRO A 134 -12.56 -30.56 4.95
N PRO A 135 -11.45 -31.12 5.41
CA PRO A 135 -10.05 -30.69 5.24
C PRO A 135 -9.46 -30.94 3.89
N LEU A 136 -8.56 -30.04 3.50
CA LEU A 136 -7.87 -30.14 2.22
C LEU A 136 -6.39 -30.37 2.43
N ARG A 137 -5.75 -31.18 1.59
CA ARG A 137 -4.29 -31.21 1.59
C ARG A 137 -3.87 -30.42 0.33
N ILE A 138 -3.03 -29.41 0.53
CA ILE A 138 -2.65 -28.52 -0.54
C ILE A 138 -1.13 -28.51 -0.67
N GLN A 139 -0.64 -28.61 -1.90
CA GLN A 139 0.78 -28.56 -2.19
C GLN A 139 1.04 -27.26 -2.86
N GLY A 140 2.11 -26.59 -2.49
CA GLY A 140 2.50 -25.32 -3.14
C GLY A 140 3.15 -25.69 -4.46
N THR A 141 2.51 -25.25 -5.55
CA THR A 141 3.00 -25.61 -6.90
C THR A 141 3.17 -24.40 -7.79
N GLY A 142 2.63 -23.27 -7.38
CA GLY A 142 2.49 -22.12 -8.30
C GLY A 142 1.16 -22.39 -9.03
N LEU A 143 0.61 -21.36 -9.65
CA LEU A 143 -0.61 -21.49 -10.48
C LEU A 143 -0.20 -21.19 -11.90
N GLN A 144 -0.72 -21.97 -12.84
CA GLN A 144 -0.42 -21.77 -14.26
C GLN A 144 -1.07 -20.57 -14.88
N ALA A 145 -0.39 -19.95 -15.87
CA ALA A 145 -1.00 -18.87 -16.64
C ALA A 145 -2.05 -19.53 -17.55
N GLY A 146 -2.97 -18.73 -18.10
CA GLY A 146 -3.94 -19.25 -18.99
C GLY A 146 -5.33 -18.90 -18.57
N THR A 147 -6.26 -19.41 -19.36
CA THR A 147 -7.68 -19.11 -19.19
C THR A 147 -8.38 -20.08 -18.22
N VAL A 148 -9.21 -19.57 -17.29
CA VAL A 148 -10.02 -20.44 -16.48
C VAL A 148 -11.48 -19.99 -16.70
N THR A 149 -12.46 -20.90 -16.49
CA THR A 149 -13.87 -20.61 -16.75
C THR A 149 -14.63 -20.82 -15.45
N ILE A 150 -15.35 -19.80 -15.02
CA ILE A 150 -16.04 -19.79 -13.78
C ILE A 150 -17.52 -19.45 -14.05
N ASP A 151 -18.40 -20.18 -13.39
CA ASP A 151 -19.85 -19.95 -13.53
C ASP A 151 -20.36 -18.62 -12.88
N GLY A 152 -21.21 -17.88 -13.58
CA GLY A 152 -21.65 -16.58 -13.05
C GLY A 152 -22.47 -16.71 -11.76
N SER A 153 -23.00 -17.90 -11.46
CA SER A 153 -23.75 -18.06 -10.21
C SER A 153 -22.86 -18.40 -9.02
N ILE A 154 -21.55 -18.58 -9.25
CA ILE A 154 -20.63 -18.95 -8.16
C ILE A 154 -20.76 -18.01 -6.95
N SER A 155 -20.62 -18.53 -5.72
CA SER A 155 -20.63 -17.64 -4.54
C SER A 155 -19.44 -16.70 -4.66
N SER A 156 -19.66 -15.39 -4.42
CA SER A 156 -18.60 -14.42 -4.64
C SER A 156 -17.30 -14.68 -3.85
N GLN A 157 -17.40 -15.26 -2.65
CA GLN A 157 -16.25 -15.52 -1.82
C GLN A 157 -15.27 -16.46 -2.55
N PHE A 158 -15.80 -17.38 -3.36
CA PHE A 158 -14.90 -18.26 -4.13
C PHE A 158 -14.18 -17.51 -5.26
N LEU A 159 -14.93 -16.75 -6.04
CA LEU A 159 -14.33 -15.94 -7.09
C LEU A 159 -13.32 -14.96 -6.54
N THR A 160 -13.68 -14.33 -5.44
CA THR A 160 -12.75 -13.40 -4.75
C THR A 160 -11.44 -14.08 -4.36
N ALA A 161 -11.54 -15.29 -3.77
CA ALA A 161 -10.31 -16.01 -3.33
C ALA A 161 -9.44 -16.30 -4.55
N PHE A 162 -10.06 -16.72 -5.64
CA PHE A 162 -9.29 -17.00 -6.83
C PHE A 162 -8.64 -15.71 -7.37
N LEU A 163 -9.43 -14.65 -7.50
CA LEU A 163 -8.86 -13.39 -7.99
C LEU A 163 -7.66 -12.88 -7.20
N MET A 164 -7.71 -12.96 -5.88
CA MET A 164 -6.63 -12.50 -5.02
C MET A 164 -5.34 -13.23 -5.25
N SER A 165 -5.45 -14.53 -5.59
CA SER A 165 -4.24 -15.31 -5.89
C SER A 165 -3.75 -15.19 -7.33
N ALA A 166 -4.66 -14.85 -8.25
CA ALA A 166 -4.29 -14.86 -9.70
C ALA A 166 -3.08 -14.01 -10.08
N PRO A 167 -2.84 -12.83 -9.41
CA PRO A 167 -1.64 -12.03 -9.82
C PRO A 167 -0.30 -12.74 -9.59
N LEU A 168 -0.28 -13.71 -8.69
CA LEU A 168 0.94 -14.47 -8.39
C LEU A 168 1.07 -15.79 -9.21
N ALA A 169 0.20 -15.95 -10.22
CA ALA A 169 0.33 -17.11 -11.13
C ALA A 169 1.57 -16.90 -11.99
N GLN A 170 1.96 -17.92 -12.77
CA GLN A 170 3.18 -17.87 -13.59
CA GLN A 170 3.18 -17.88 -13.57
C GLN A 170 3.12 -16.87 -14.73
N GLY A 171 1.92 -16.47 -15.12
CA GLY A 171 1.75 -15.50 -16.23
C GLY A 171 0.33 -14.97 -16.28
N LYS A 172 -0.08 -14.39 -17.41
CA LYS A 172 -1.38 -13.75 -17.49
C LYS A 172 -2.50 -14.76 -17.20
N VAL A 173 -3.50 -14.36 -16.40
CA VAL A 173 -4.62 -15.23 -16.10
C VAL A 173 -5.84 -14.54 -16.65
N THR A 174 -6.65 -15.31 -17.36
CA THR A 174 -7.90 -14.77 -17.91
C THR A 174 -9.06 -15.56 -17.29
N ILE A 175 -10.01 -14.88 -16.64
CA ILE A 175 -11.12 -15.59 -16.07
C ILE A 175 -12.33 -15.31 -16.94
N LYS A 176 -12.90 -16.32 -17.62
CA LYS A 176 -14.14 -16.10 -18.36
C LYS A 176 -15.32 -16.47 -17.47
N ILE A 177 -16.36 -15.62 -17.49
CA ILE A 177 -17.54 -15.89 -16.68
C ILE A 177 -18.63 -16.44 -17.58
N VAL A 178 -19.25 -17.55 -17.18
CA VAL A 178 -20.34 -18.11 -17.95
C VAL A 178 -21.65 -17.51 -17.46
N GLY A 179 -22.42 -16.90 -18.35
CA GLY A 179 -23.70 -16.34 -17.90
C GLY A 179 -23.60 -14.98 -17.22
N GLU A 180 -24.60 -14.66 -16.40
CA GLU A 180 -24.69 -13.36 -15.72
C GLU A 180 -23.99 -13.47 -14.32
N LEU A 181 -22.98 -12.68 -14.09
CA LEU A 181 -22.31 -12.72 -12.81
C LEU A 181 -23.21 -12.13 -11.67
N VAL A 182 -23.38 -12.91 -10.61
CA VAL A 182 -24.09 -12.38 -9.43
C VAL A 182 -23.08 -11.76 -8.43
N SER A 183 -23.60 -11.01 -7.47
CA SER A 183 -22.80 -10.38 -6.37
C SER A 183 -21.71 -9.43 -6.89
N LYS A 184 -22.00 -8.75 -8.02
CA LYS A 184 -21.05 -7.83 -8.60
C LYS A 184 -20.48 -6.83 -7.55
N PRO A 185 -21.33 -6.24 -6.72
CA PRO A 185 -20.74 -5.28 -5.70
C PRO A 185 -19.67 -5.93 -4.77
N TYR A 186 -19.87 -7.19 -4.43
CA TYR A 186 -18.86 -7.86 -3.63
C TYR A 186 -17.58 -8.08 -4.40
N ILE A 187 -17.72 -8.41 -5.68
CA ILE A 187 -16.51 -8.56 -6.52
C ILE A 187 -15.81 -7.17 -6.61
N ASP A 188 -16.58 -6.12 -6.81
CA ASP A 188 -16.03 -4.75 -6.78
C ASP A 188 -15.17 -4.46 -5.52
N ILE A 189 -15.62 -4.88 -4.35
CA ILE A 189 -14.87 -4.63 -3.12
C ILE A 189 -13.50 -5.33 -3.25
N THR A 190 -13.50 -6.62 -3.64
CA THR A 190 -12.24 -7.32 -3.84
C THR A 190 -11.31 -6.66 -4.85
N LEU A 191 -11.84 -6.30 -6.02
CA LEU A 191 -11.03 -5.61 -7.04
C LEU A 191 -10.45 -4.30 -6.50
N HIS A 192 -11.25 -3.60 -5.71
CA HIS A 192 -10.76 -2.35 -5.06
C HIS A 192 -9.61 -2.59 -4.08
N ILE A 193 -9.72 -3.62 -3.26
CA ILE A 193 -8.65 -3.95 -2.29
C ILE A 193 -7.37 -4.34 -3.05
N MET A 194 -7.51 -5.11 -4.11
CA MET A 194 -6.33 -5.50 -4.90
C MET A 194 -5.64 -4.30 -5.49
N GLU A 195 -6.46 -3.36 -5.97
CA GLU A 195 -5.93 -2.12 -6.53
C GLU A 195 -5.16 -1.34 -5.46
N GLN A 196 -5.70 -1.28 -4.23
CA GLN A 196 -4.98 -0.52 -3.16
CA GLN A 196 -5.00 -0.58 -3.10
C GLN A 196 -3.63 -1.17 -2.88
N PHE A 197 -3.55 -2.48 -3.06
CA PHE A 197 -2.28 -3.24 -2.92
C PHE A 197 -1.51 -3.31 -4.24
N GLY A 198 -1.86 -2.42 -5.16
CA GLY A 198 -1.05 -2.23 -6.35
C GLY A 198 -1.22 -3.13 -7.54
N VAL A 199 -2.31 -3.88 -7.58
CA VAL A 199 -2.50 -4.82 -8.67
C VAL A 199 -3.67 -4.40 -9.52
N GLN A 200 -3.48 -4.45 -10.83
CA GLN A 200 -4.52 -4.09 -11.85
C GLN A 200 -5.25 -5.33 -12.34
N VAL A 201 -6.58 -5.26 -12.41
CA VAL A 201 -7.33 -6.35 -12.98
C VAL A 201 -8.17 -5.66 -14.06
N ILE A 202 -8.16 -6.15 -15.29
CA ILE A 202 -8.96 -5.54 -16.36
CA ILE A 202 -8.95 -5.57 -16.39
C ILE A 202 -10.30 -6.23 -16.34
N ASN A 203 -11.35 -5.42 -16.08
CA ASN A 203 -12.68 -5.95 -15.95
C ASN A 203 -13.48 -5.64 -17.23
N HIS A 204 -13.79 -6.67 -18.02
CA HIS A 204 -14.58 -6.46 -19.23
C HIS A 204 -16.09 -6.56 -18.91
N ASP A 205 -16.64 -5.52 -18.23
CA ASP A 205 -18.05 -5.49 -17.79
C ASP A 205 -18.51 -6.84 -17.16
N TYR A 206 -17.67 -7.40 -16.30
CA TYR A 206 -18.03 -8.60 -15.56
C TYR A 206 -18.24 -9.88 -16.38
N GLN A 207 -17.83 -9.89 -17.64
CA GLN A 207 -17.94 -11.06 -18.52
C GLN A 207 -16.61 -11.84 -18.54
N GLU A 208 -15.53 -11.12 -18.30
CA GLU A 208 -14.17 -11.61 -18.32
C GLU A 208 -13.28 -10.69 -17.46
N PHE A 209 -12.36 -11.29 -16.71
CA PHE A 209 -11.42 -10.52 -15.89
C PHE A 209 -10.03 -10.95 -16.37
N VAL A 210 -9.17 -9.97 -16.67
CA VAL A 210 -7.79 -10.31 -17.09
C VAL A 210 -6.78 -9.71 -16.09
N ILE A 211 -5.91 -10.58 -15.54
CA ILE A 211 -4.86 -10.19 -14.60
C ILE A 211 -3.52 -10.31 -15.37
N PRO A 212 -3.02 -9.18 -15.87
CA PRO A 212 -1.75 -9.19 -16.61
C PRO A 212 -0.62 -9.82 -15.81
N ALA A 213 0.28 -10.46 -16.54
CA ALA A 213 1.46 -11.10 -15.95
C ALA A 213 2.41 -10.12 -15.30
N GLY A 214 3.20 -10.66 -14.39
CA GLY A 214 4.29 -9.93 -13.78
C GLY A 214 4.03 -8.91 -12.71
N GLN A 215 2.81 -8.87 -12.17
CA GLN A 215 2.55 -7.92 -11.10
C GLN A 215 2.93 -8.51 -9.76
N SER A 216 3.02 -7.63 -8.74
CA SER A 216 3.29 -8.04 -7.35
C SER A 216 2.43 -7.16 -6.45
N TYR A 217 1.92 -7.67 -5.34
CA TYR A 217 1.26 -6.81 -4.38
C TYR A 217 2.33 -5.93 -3.72
N VAL A 218 2.00 -4.68 -3.51
CA VAL A 218 2.87 -3.67 -2.90
C VAL A 218 2.09 -2.97 -1.77
N SER A 219 2.69 -2.88 -0.58
CA SER A 219 2.00 -2.22 0.51
C SER A 219 1.59 -0.80 0.14
N PRO A 220 0.32 -0.44 0.41
CA PRO A 220 -0.04 0.95 0.18
C PRO A 220 0.33 1.82 1.41
N GLY A 221 1.09 1.31 2.37
CA GLY A 221 1.34 2.05 3.63
C GLY A 221 0.20 1.67 4.59
N GLN A 222 -0.86 2.45 4.67
CA GLN A 222 -1.98 2.15 5.58
C GLN A 222 -3.10 1.59 4.72
N PHE A 223 -3.79 0.61 5.29
CA PHE A 223 -4.99 0.04 4.66
C PHE A 223 -6.11 0.17 5.71
N LEU A 224 -7.10 0.96 5.40
CA LEU A 224 -8.22 1.15 6.34
C LEU A 224 -9.33 0.13 6.01
N VAL A 225 -9.67 -0.72 6.99
CA VAL A 225 -10.67 -1.75 6.77
C VAL A 225 -12.08 -1.12 6.82
N GLU A 226 -12.86 -1.21 5.73
CA GLU A 226 -14.20 -0.58 5.66
CA GLU A 226 -14.18 -0.58 5.69
C GLU A 226 -15.18 -1.33 6.59
N GLY A 227 -16.28 -0.66 6.95
CA GLY A 227 -17.31 -1.24 7.82
C GLY A 227 -18.10 -2.32 7.04
N ASP A 228 -18.93 -3.02 7.80
CA ASP A 228 -19.89 -4.03 7.33
C ASP A 228 -19.70 -5.42 7.92
N LEU B 3 36.79 46.63 6.11
CA LEU B 3 36.28 45.27 6.45
C LEU B 3 37.27 44.23 5.93
N PRO B 4 37.73 43.33 6.80
CA PRO B 4 38.71 42.38 6.29
C PRO B 4 38.05 41.36 5.40
N GLY B 5 38.86 40.63 4.62
CA GLY B 5 38.28 39.69 3.71
C GLY B 5 37.69 38.42 4.35
N SER B 6 36.68 37.84 3.69
CA SER B 6 36.18 36.51 4.09
C SER B 6 37.37 35.50 4.13
N LYS B 7 37.41 34.68 5.19
CA LYS B 7 38.43 33.66 5.28
C LYS B 7 38.22 32.62 4.17
N SER B 8 37.00 32.14 4.00
CA SER B 8 36.76 31.07 2.99
C SER B 8 36.99 31.57 1.55
N VAL B 9 36.54 32.77 1.23
CA VAL B 9 36.76 33.31 -0.09
C VAL B 9 38.27 33.50 -0.31
N SER B 10 38.97 34.03 0.69
CA SER B 10 40.44 34.26 0.54
C SER B 10 41.10 32.90 0.12
N ASN B 11 40.82 31.85 0.86
CA ASN B 11 41.53 30.60 0.57
C ASN B 11 41.09 29.96 -0.74
N ARG B 12 39.81 30.07 -1.05
CA ARG B 12 39.36 29.49 -2.33
CA ARG B 12 39.29 29.56 -2.36
C ARG B 12 39.96 30.29 -3.50
N ALA B 13 39.99 31.62 -3.39
CA ALA B 13 40.58 32.41 -4.49
C ALA B 13 42.08 32.16 -4.58
N LEU B 14 42.77 31.97 -3.46
CA LEU B 14 44.14 31.58 -3.55
C LEU B 14 44.33 30.29 -4.32
N LEU B 15 43.52 29.29 -4.04
CA LEU B 15 43.64 28.03 -4.78
C LEU B 15 43.34 28.20 -6.29
N LEU B 16 42.24 28.87 -6.61
CA LEU B 16 41.98 29.12 -8.03
C LEU B 16 43.09 29.92 -8.68
N ALA B 17 43.63 30.91 -8.00
CA ALA B 17 44.77 31.67 -8.61
C ALA B 17 45.96 30.76 -8.88
N ALA B 18 46.18 29.77 -8.04
CA ALA B 18 47.30 28.88 -8.24
C ALA B 18 47.06 27.98 -9.45
N LEU B 19 45.82 27.54 -9.63
CA LEU B 19 45.51 26.65 -10.76
C LEU B 19 45.36 27.40 -12.11
N ALA B 20 45.15 28.72 -12.04
CA ALA B 20 44.87 29.50 -13.23
C ALA B 20 46.16 29.86 -14.01
N SER B 21 46.00 30.26 -15.28
CA SER B 21 47.11 30.78 -16.08
CA SER B 21 47.09 30.78 -16.09
C SER B 21 47.17 32.27 -15.78
N GLY B 22 48.38 32.84 -15.75
CA GLY B 22 48.57 34.26 -15.49
C GLY B 22 48.81 34.56 -14.00
N THR B 23 49.09 35.81 -13.70
CA THR B 23 49.30 36.25 -12.33
C THR B 23 48.01 36.90 -11.83
N THR B 24 47.53 36.51 -10.67
CA THR B 24 46.34 37.13 -10.12
C THR B 24 46.77 37.97 -8.94
N ARG B 25 46.27 39.23 -8.87
CA ARG B 25 46.47 40.06 -7.69
C ARG B 25 45.22 39.97 -6.81
N LEU B 26 45.31 39.25 -5.68
CA LEU B 26 44.18 39.20 -4.74
C LEU B 26 44.34 40.41 -3.80
N THR B 27 43.28 41.20 -3.63
CA THR B 27 43.30 42.31 -2.69
C THR B 27 42.25 42.07 -1.63
N ASN B 28 42.45 42.67 -0.46
CA ASN B 28 41.60 42.46 0.70
C ASN B 28 41.67 41.02 1.21
N LEU B 29 42.77 40.32 0.90
CA LEU B 29 43.00 38.99 1.47
C LEU B 29 43.01 39.07 3.04
N LEU B 30 42.44 38.06 3.70
CA LEU B 30 42.39 38.04 5.16
C LEU B 30 43.79 37.86 5.81
N ASP B 31 44.14 38.73 6.76
CA ASP B 31 45.41 38.58 7.48
C ASP B 31 45.11 37.62 8.61
N SER B 32 45.29 36.32 8.35
CA SER B 32 44.94 35.28 9.30
C SER B 32 45.85 34.10 9.13
N ASP B 33 46.14 33.39 10.23
CA ASP B 33 46.98 32.16 10.08
C ASP B 33 46.30 31.14 9.18
N ASP B 34 44.98 31.15 9.08
CA ASP B 34 44.39 30.15 8.17
C ASP B 34 44.70 30.44 6.69
N ILE B 35 44.84 31.73 6.36
CA ILE B 35 45.34 32.09 4.99
C ILE B 35 46.80 31.67 4.83
N ARG B 36 47.60 31.92 5.85
CA ARG B 36 48.99 31.48 5.82
C ARG B 36 49.12 30.00 5.59
N HIS B 37 48.23 29.20 6.21
CA HIS B 37 48.31 27.74 6.03
C HIS B 37 48.10 27.44 4.58
N MET B 38 47.15 28.13 3.96
CA MET B 38 46.98 27.90 2.50
C MET B 38 48.21 28.34 1.69
N LEU B 39 48.75 29.53 1.98
CA LEU B 39 49.93 30.01 1.24
C LEU B 39 51.07 29.02 1.40
N ASN B 40 51.20 28.48 2.60
CA ASN B 40 52.27 27.50 2.86
C ASN B 40 52.10 26.19 2.11
N ALA B 41 50.84 25.71 1.99
CA ALA B 41 50.55 24.49 1.19
C ALA B 41 50.92 24.79 -0.29
N LEU B 42 50.55 26.00 -0.73
CA LEU B 42 50.83 26.43 -2.13
C LEU B 42 52.38 26.51 -2.31
N THR B 43 53.12 27.00 -1.34
CA THR B 43 54.54 27.01 -1.44
C THR B 43 55.11 25.60 -1.65
N LYS B 44 54.69 24.67 -0.78
CA LYS B 44 55.16 23.32 -0.83
C LYS B 44 54.75 22.66 -2.11
N LEU B 45 53.67 23.13 -2.73
CA LEU B 45 53.20 22.59 -4.00
C LEU B 45 53.85 23.30 -5.18
N GLY B 46 54.81 24.17 -4.92
CA GLY B 46 55.52 24.82 -6.02
C GLY B 46 54.97 26.10 -6.60
N VAL B 47 54.14 26.81 -5.84
CA VAL B 47 53.53 28.04 -6.32
C VAL B 47 54.29 29.21 -5.83
N ASN B 48 54.66 30.14 -6.73
CA ASN B 48 55.37 31.34 -6.32
C ASN B 48 54.35 32.47 -6.07
N TYR B 49 54.56 33.33 -5.06
CA TYR B 49 53.65 34.45 -4.86
C TYR B 49 54.45 35.56 -4.16
N ARG B 50 53.88 36.76 -4.15
CA ARG B 50 54.44 37.94 -3.51
C ARG B 50 53.36 38.44 -2.59
N LEU B 51 53.70 38.72 -1.33
CA LEU B 51 52.70 39.15 -0.38
C LEU B 51 53.06 40.51 0.18
N SER B 52 52.12 41.44 0.24
CA SER B 52 52.43 42.78 0.83
C SER B 52 52.78 42.73 2.33
N ALA B 53 53.43 43.80 2.83
CA ALA B 53 53.77 43.88 4.26
C ALA B 53 52.52 43.79 5.15
N ASP B 54 51.39 44.34 4.69
CA ASP B 54 50.18 44.27 5.53
C ASP B 54 49.39 42.97 5.35
N LYS B 55 49.93 42.07 4.52
CA LYS B 55 49.38 40.76 4.30
C LYS B 55 48.03 40.75 3.60
N THR B 56 47.55 41.89 3.15
CA THR B 56 46.22 41.87 2.49
C THR B 56 46.25 41.86 0.94
N THR B 57 47.43 42.06 0.34
CA THR B 57 47.52 41.99 -1.12
C THR B 57 48.50 40.88 -1.53
N CYS B 58 48.09 39.95 -2.40
CA CYS B 58 49.01 38.88 -2.76
C CYS B 58 48.95 38.69 -4.27
N GLU B 59 50.11 38.61 -4.94
CA GLU B 59 50.15 38.31 -6.36
C GLU B 59 50.62 36.86 -6.51
N VAL B 60 49.75 36.01 -7.06
CA VAL B 60 50.03 34.62 -7.24
C VAL B 60 50.37 34.34 -8.69
N GLU B 61 51.48 33.66 -8.90
CA GLU B 61 51.87 33.26 -10.25
C GLU B 61 51.17 31.89 -10.51
N GLY B 62 50.13 31.86 -11.32
CA GLY B 62 49.39 30.61 -11.53
C GLY B 62 50.20 29.55 -12.31
N LEU B 63 49.92 28.30 -12.03
CA LEU B 63 50.56 27.15 -12.68
C LEU B 63 49.84 26.81 -13.96
N GLY B 64 48.64 27.30 -14.13
CA GLY B 64 47.89 27.00 -15.34
C GLY B 64 47.43 25.54 -15.43
N GLN B 65 47.60 24.75 -14.38
CA GLN B 65 47.24 23.31 -14.43
C GLN B 65 47.32 22.80 -12.99
N ALA B 66 46.99 21.53 -12.83
CA ALA B 66 47.02 20.86 -11.53
C ALA B 66 48.44 20.78 -10.98
N PHE B 67 48.55 20.48 -9.68
CA PHE B 67 49.83 20.37 -8.98
C PHE B 67 50.54 19.06 -9.38
N HIS B 68 51.89 19.09 -9.37
CA HIS B 68 52.71 17.95 -9.76
C HIS B 68 53.87 17.95 -8.80
N THR B 69 54.01 16.94 -7.95
CA THR B 69 55.12 16.91 -7.01
CA THR B 69 55.17 16.91 -7.05
C THR B 69 55.86 15.59 -7.21
N THR B 70 57.17 15.61 -7.06
CA THR B 70 57.95 14.42 -7.32
C THR B 70 58.53 13.84 -6.07
N GLN B 71 58.11 14.34 -4.93
CA GLN B 71 58.55 13.84 -3.63
C GLN B 71 57.22 13.79 -2.83
N PRO B 72 56.86 12.62 -2.29
CA PRO B 72 55.64 12.50 -1.49
C PRO B 72 55.75 13.52 -0.39
N LEU B 73 54.66 14.24 -0.11
CA LEU B 73 54.76 15.17 0.98
C LEU B 73 53.59 15.30 1.91
N GLU B 74 53.87 15.81 3.10
CA GLU B 74 52.85 16.01 4.09
C GLU B 74 52.48 17.49 4.04
N LEU B 75 51.19 17.77 3.90
CA LEU B 75 50.69 19.14 3.95
C LEU B 75 49.95 19.28 5.31
N PHE B 76 50.62 19.90 6.25
CA PHE B 76 50.08 20.14 7.55
C PHE B 76 49.40 21.51 7.54
N LEU B 77 48.13 21.55 7.93
CA LEU B 77 47.36 22.75 7.81
C LEU B 77 46.84 23.33 9.13
N GLY B 78 47.47 23.03 10.26
CA GLY B 78 47.02 23.60 11.56
C GLY B 78 45.57 23.23 11.75
N ASN B 79 44.70 24.24 11.95
CA ASN B 79 43.28 23.93 12.07
C ASN B 79 42.49 24.68 10.99
N ALA B 80 43.11 24.82 9.79
CA ALA B 80 42.50 25.59 8.66
C ALA B 80 41.59 24.73 7.81
N GLY B 81 40.35 24.56 8.27
CA GLY B 81 39.37 23.76 7.47
C GLY B 81 39.14 24.40 6.12
N THR B 82 39.20 25.74 6.06
CA THR B 82 39.02 26.45 4.76
C THR B 82 40.19 26.25 3.79
N ALA B 83 41.28 25.64 4.24
CA ALA B 83 42.34 25.26 3.32
C ALA B 83 42.24 23.75 3.02
N MET B 84 41.92 22.99 4.05
CA MET B 84 41.83 21.54 3.93
CA MET B 84 41.82 21.54 3.94
C MET B 84 40.78 21.07 2.93
N ARG B 85 39.58 21.64 3.00
CA ARG B 85 38.49 21.13 2.13
C ARG B 85 38.77 21.32 0.64
N PRO B 86 39.05 22.58 0.22
CA PRO B 86 39.37 22.78 -1.20
C PRO B 86 40.60 21.98 -1.65
N LEU B 87 41.64 21.86 -0.82
CA LEU B 87 42.81 21.07 -1.21
C LEU B 87 42.53 19.60 -1.30
N ALA B 88 41.68 19.08 -0.42
CA ALA B 88 41.38 17.62 -0.51
C ALA B 88 40.91 17.28 -1.96
N ALA B 89 40.07 18.12 -2.55
CA ALA B 89 39.66 17.88 -3.92
C ALA B 89 40.76 18.18 -4.92
N ALA B 90 41.45 19.34 -4.80
CA ALA B 90 42.38 19.73 -5.84
C ALA B 90 43.55 18.79 -5.91
N LEU B 91 44.00 18.24 -4.79
CA LEU B 91 45.20 17.38 -4.86
C LEU B 91 44.93 16.11 -5.66
N CYS B 92 43.65 15.75 -5.86
CA CYS B 92 43.33 14.53 -6.67
C CYS B 92 43.58 14.77 -8.12
N LEU B 93 43.64 16.04 -8.51
CA LEU B 93 43.75 16.38 -9.93
C LEU B 93 45.07 16.16 -10.65
N GLY B 94 46.20 16.25 -9.96
CA GLY B 94 47.44 16.17 -10.74
C GLY B 94 48.22 14.89 -10.53
N GLN B 95 49.46 15.03 -10.14
CA GLN B 95 50.30 13.86 -9.92
C GLN B 95 51.03 14.09 -8.59
N GLY B 96 51.12 13.03 -7.77
CA GLY B 96 51.80 13.16 -6.47
C GLY B 96 51.16 12.33 -5.40
N ASP B 97 51.79 12.28 -4.23
CA ASP B 97 51.37 11.41 -3.14
C ASP B 97 51.37 12.35 -1.93
N TYR B 98 50.24 12.53 -1.29
CA TYR B 98 50.14 13.56 -0.30
C TYR B 98 49.50 13.07 0.96
N VAL B 99 49.99 13.58 2.11
CA VAL B 99 49.25 13.39 3.37
C VAL B 99 48.67 14.79 3.72
N LEU B 100 47.35 14.87 3.92
CA LEU B 100 46.66 16.14 4.18
C LEU B 100 46.25 16.00 5.65
N THR B 101 46.79 16.88 6.49
CA THR B 101 46.59 16.71 7.92
C THR B 101 46.62 18.05 8.69
N GLY B 102 46.57 18.00 10.03
CA GLY B 102 46.60 19.20 10.81
C GLY B 102 46.74 18.84 12.26
N GLU B 103 46.51 19.82 13.12
CA GLU B 103 46.65 19.64 14.54
CA GLU B 103 46.65 19.62 14.54
C GLU B 103 45.49 18.71 15.01
N PRO B 104 45.50 18.29 16.30
CA PRO B 104 44.38 17.40 16.68
C PRO B 104 42.97 17.87 16.33
N ARG B 105 42.65 19.17 16.49
CA ARG B 105 41.30 19.68 16.16
C ARG B 105 40.94 19.47 14.68
N MET B 106 41.95 19.51 13.80
CA MET B 106 41.67 19.23 12.37
C MET B 106 41.11 17.82 12.22
N LYS B 107 41.63 16.89 13.02
CA LYS B 107 41.20 15.52 12.91
C LYS B 107 39.79 15.32 13.41
N GLU B 108 39.17 16.41 13.82
CA GLU B 108 37.77 16.35 14.32
C GLU B 108 36.79 16.94 13.33
N ARG B 109 37.32 17.42 12.20
CA ARG B 109 36.52 18.06 11.16
C ARG B 109 36.08 16.98 10.21
N PRO B 110 34.76 16.82 10.03
CA PRO B 110 34.30 15.75 9.09
C PRO B 110 34.68 16.05 7.65
N ILE B 111 34.94 15.00 6.88
CA ILE B 111 35.29 15.22 5.49
C ILE B 111 34.73 14.09 4.62
N GLY B 112 34.04 13.09 5.22
CA GLY B 112 33.53 11.93 4.46
C GLY B 112 32.64 12.26 3.25
N HIS B 113 31.74 13.22 3.40
CA HIS B 113 30.94 13.58 2.25
C HIS B 113 31.73 14.09 1.04
N LEU B 114 32.79 14.85 1.26
CA LEU B 114 33.61 15.31 0.14
C LEU B 114 34.42 14.11 -0.42
N VAL B 115 34.98 13.29 0.49
CA VAL B 115 35.74 12.11 0.02
C VAL B 115 34.85 11.20 -0.82
N ASP B 116 33.60 10.98 -0.39
N ASP B 116 33.59 10.97 -0.40
CA ASP B 116 32.62 10.14 -1.12
CA ASP B 116 32.64 10.13 -1.16
C ASP B 116 32.41 10.65 -2.53
C ASP B 116 32.51 10.66 -2.57
N ALA B 117 32.26 11.97 -2.68
CA ALA B 117 32.07 12.57 -4.00
C ALA B 117 33.28 12.38 -4.90
N LEU B 118 34.46 12.65 -4.33
CA LEU B 118 35.73 12.52 -5.08
C LEU B 118 35.92 11.07 -5.51
N ARG B 119 35.59 10.14 -4.62
CA ARG B 119 35.73 8.72 -4.99
C ARG B 119 34.84 8.35 -6.11
N GLN B 120 33.65 8.96 -6.18
CA GLN B 120 32.73 8.63 -7.33
C GLN B 120 33.36 9.02 -8.65
N ALA B 121 34.21 10.03 -8.61
CA ALA B 121 34.90 10.48 -9.79
C ALA B 121 36.31 9.84 -9.94
N GLY B 122 36.53 8.70 -9.27
CA GLY B 122 37.76 7.93 -9.44
C GLY B 122 38.93 8.29 -8.56
N ALA B 123 38.73 9.16 -7.55
CA ALA B 123 39.82 9.54 -6.69
C ALA B 123 40.37 8.37 -5.84
N GLN B 124 41.64 8.50 -5.47
CA GLN B 124 42.33 7.56 -4.60
C GLN B 124 42.65 8.28 -3.30
N ILE B 125 41.85 8.02 -2.28
CA ILE B 125 41.94 8.69 -1.00
C ILE B 125 41.77 7.63 0.12
N GLU B 126 42.64 7.67 1.13
CA GLU B 126 42.56 6.71 2.23
C GLU B 126 42.52 7.49 3.52
N TYR B 127 41.69 7.01 4.45
CA TYR B 127 41.64 7.60 5.77
C TYR B 127 42.77 6.97 6.51
N LEU B 128 43.66 7.77 7.09
CA LEU B 128 44.81 7.19 7.82
C LEU B 128 44.59 6.81 9.27
N GLU B 129 43.65 7.46 9.94
CA GLU B 129 43.39 7.15 11.33
C GLU B 129 41.93 6.80 11.52
N GLN B 130 41.04 7.76 11.35
CA GLN B 130 39.66 7.48 11.56
C GLN B 130 38.89 7.77 10.28
N GLU B 131 37.98 6.85 9.98
CA GLU B 131 37.11 6.90 8.81
C GLU B 131 36.29 8.20 8.86
N ASN B 132 36.19 8.90 7.72
CA ASN B 132 35.47 10.16 7.65
C ASN B 132 36.16 11.44 8.18
N PHE B 133 37.38 11.33 8.64
CA PHE B 133 38.10 12.49 9.17
C PHE B 133 39.53 12.51 8.65
N PRO B 134 40.14 13.71 8.60
CA PRO B 134 41.56 13.75 8.29
C PRO B 134 42.26 12.96 9.41
N PRO B 135 43.51 12.55 9.20
CA PRO B 135 44.40 12.80 8.07
C PRO B 135 44.04 11.93 6.89
N LEU B 136 44.23 12.44 5.67
CA LEU B 136 43.92 11.69 4.43
C LEU B 136 45.23 11.48 3.66
N ARG B 137 45.35 10.34 2.98
CA ARG B 137 46.47 10.10 2.08
C ARG B 137 45.79 10.20 0.71
N ILE B 138 46.27 11.10 -0.11
CA ILE B 138 45.67 11.34 -1.44
C ILE B 138 46.72 11.14 -2.55
N GLN B 139 46.33 10.38 -3.58
CA GLN B 139 47.18 10.14 -4.77
CA GLN B 139 47.21 10.17 -4.73
C GLN B 139 46.66 11.00 -5.88
N GLY B 140 47.56 11.72 -6.57
CA GLY B 140 47.15 12.54 -7.72
C GLY B 140 46.83 11.55 -8.80
N THR B 141 45.60 11.56 -9.26
CA THR B 141 45.13 10.58 -10.24
C THR B 141 44.41 11.20 -11.40
N GLY B 142 43.99 12.47 -11.28
CA GLY B 142 43.07 13.06 -12.27
C GLY B 142 41.67 12.69 -11.75
N LEU B 143 40.64 13.41 -12.16
CA LEU B 143 39.24 13.05 -11.78
C LEU B 143 38.55 12.69 -13.12
N GLN B 144 37.72 11.69 -13.09
CA GLN B 144 37.10 11.12 -14.30
C GLN B 144 35.97 11.97 -14.73
N ALA B 145 35.74 12.06 -16.04
CA ALA B 145 34.56 12.68 -16.55
C ALA B 145 33.38 11.81 -16.10
N GLY B 146 32.21 12.39 -16.08
CA GLY B 146 31.05 11.58 -15.74
C GLY B 146 30.19 12.23 -14.71
N THR B 147 29.22 11.44 -14.20
CA THR B 147 28.24 11.94 -13.26
C THR B 147 28.52 11.59 -11.83
N VAL B 148 28.43 12.57 -10.94
CA VAL B 148 28.53 12.26 -9.52
CA VAL B 148 28.56 12.33 -9.52
C VAL B 148 27.18 12.67 -8.93
N THR B 149 26.74 11.89 -7.94
CA THR B 149 25.46 12.12 -7.28
C THR B 149 25.70 12.63 -5.85
N ILE B 150 25.08 13.75 -5.51
CA ILE B 150 25.39 14.40 -4.23
C ILE B 150 24.07 14.68 -3.50
N ASP B 151 24.04 14.37 -2.19
CA ASP B 151 22.86 14.65 -1.31
C ASP B 151 22.62 16.18 -1.25
N GLY B 152 21.38 16.62 -1.43
CA GLY B 152 21.10 18.08 -1.37
C GLY B 152 21.36 18.69 0.01
N SER B 153 21.31 17.86 1.06
CA SER B 153 21.62 18.29 2.45
C SER B 153 23.10 18.44 2.77
N ILE B 154 23.97 18.12 1.81
CA ILE B 154 25.45 18.22 1.99
C ILE B 154 25.91 19.59 2.46
N SER B 155 26.92 19.64 3.33
CA SER B 155 27.44 20.97 3.76
C SER B 155 27.97 21.63 2.48
N SER B 156 27.67 22.92 2.26
CA SER B 156 28.06 23.56 0.99
C SER B 156 29.53 23.56 0.81
N GLN B 157 30.28 23.57 1.90
CA GLN B 157 31.76 23.64 1.72
C GLN B 157 32.26 22.44 0.93
N PHE B 158 31.64 21.28 1.13
CA PHE B 158 32.08 20.10 0.37
C PHE B 158 31.66 20.19 -1.09
N LEU B 159 30.41 20.59 -1.37
CA LEU B 159 29.99 20.71 -2.76
C LEU B 159 30.84 21.77 -3.48
N THR B 160 31.14 22.87 -2.79
CA THR B 160 32.03 23.91 -3.31
C THR B 160 33.45 23.40 -3.63
N ALA B 161 34.03 22.63 -2.73
CA ALA B 161 35.40 22.13 -3.00
C ALA B 161 35.39 21.25 -4.26
N PHE B 162 34.35 20.43 -4.39
CA PHE B 162 34.23 19.53 -5.52
C PHE B 162 34.01 20.34 -6.84
N LEU B 163 33.09 21.30 -6.78
CA LEU B 163 32.86 22.19 -7.95
C LEU B 163 34.15 22.87 -8.44
N MET B 164 34.93 23.37 -7.50
CA MET B 164 36.15 24.08 -7.89
C MET B 164 37.15 23.16 -8.62
N SER B 165 37.27 21.90 -8.22
CA SER B 165 38.14 20.96 -8.93
C SER B 165 37.56 20.38 -10.24
N ALA B 166 36.24 20.34 -10.36
CA ALA B 166 35.59 19.73 -11.54
C ALA B 166 36.06 20.17 -12.92
N PRO B 167 36.34 21.47 -13.11
CA PRO B 167 36.74 21.86 -14.47
C PRO B 167 38.05 21.21 -14.93
N LEU B 168 38.88 20.75 -13.99
CA LEU B 168 40.13 20.15 -14.41
C LEU B 168 40.07 18.61 -14.44
N ALA B 169 38.84 18.08 -14.42
CA ALA B 169 38.59 16.64 -14.61
C ALA B 169 38.94 16.27 -16.06
N GLN B 170 39.02 14.97 -16.33
CA GLN B 170 39.36 14.50 -17.63
C GLN B 170 38.30 14.82 -18.66
N GLY B 171 37.10 15.18 -18.25
CA GLY B 171 36.08 15.49 -19.26
C GLY B 171 34.89 16.15 -18.61
N LYS B 172 33.79 16.22 -19.32
CA LYS B 172 32.57 16.80 -18.77
C LYS B 172 32.13 16.14 -17.47
N VAL B 173 31.84 16.99 -16.49
CA VAL B 173 31.40 16.47 -15.18
C VAL B 173 30.00 16.94 -14.96
N THR B 174 29.14 15.99 -14.50
CA THR B 174 27.77 16.32 -14.19
C THR B 174 27.55 16.04 -12.71
N ILE B 175 27.04 17.02 -11.99
CA ILE B 175 26.71 16.80 -10.58
C ILE B 175 25.17 16.72 -10.46
N LYS B 176 24.69 15.59 -10.02
CA LYS B 176 23.23 15.41 -9.86
C LYS B 176 22.94 15.59 -8.37
N ILE B 177 22.02 16.48 -8.06
CA ILE B 177 21.61 16.70 -6.67
C ILE B 177 20.40 15.85 -6.35
N VAL B 178 20.43 15.12 -5.21
CA VAL B 178 19.27 14.33 -4.79
C VAL B 178 18.50 15.20 -3.83
N GLY B 179 17.26 15.49 -4.16
CA GLY B 179 16.47 16.29 -3.23
C GLY B 179 16.63 17.75 -3.39
N GLU B 180 16.38 18.49 -2.32
CA GLU B 180 16.46 19.93 -2.36
C GLU B 180 17.83 20.40 -1.91
N LEU B 181 18.47 21.21 -2.75
CA LEU B 181 19.80 21.68 -2.36
C LEU B 181 19.72 22.76 -1.32
N VAL B 182 20.47 22.61 -0.24
CA VAL B 182 20.55 23.68 0.80
C VAL B 182 21.73 24.64 0.49
N SER B 183 21.74 25.78 1.18
CA SER B 183 22.80 26.80 1.07
C SER B 183 23.01 27.25 -0.37
N LYS B 184 21.92 27.44 -1.12
CA LYS B 184 22.03 27.92 -2.52
C LYS B 184 22.87 29.21 -2.67
N PRO B 185 22.68 30.20 -1.77
CA PRO B 185 23.49 31.42 -1.93
C PRO B 185 25.03 31.15 -1.76
N TYR B 186 25.44 30.14 -0.99
CA TYR B 186 26.84 29.81 -0.84
C TYR B 186 27.31 29.16 -2.11
N ILE B 187 26.46 28.35 -2.68
CA ILE B 187 26.82 27.77 -3.96
C ILE B 187 26.98 28.85 -5.08
N ASP B 188 26.05 29.79 -5.12
CA ASP B 188 26.14 30.93 -6.07
C ASP B 188 27.46 31.71 -5.95
N ILE B 189 27.93 31.93 -4.71
CA ILE B 189 29.18 32.65 -4.47
C ILE B 189 30.34 31.85 -5.14
N THR B 190 30.34 30.51 -4.93
CA THR B 190 31.41 29.70 -5.54
C THR B 190 31.32 29.77 -7.05
N LEU B 191 30.10 29.66 -7.61
CA LEU B 191 29.96 29.71 -9.04
C LEU B 191 30.42 31.06 -9.59
N HIS B 192 30.10 32.13 -8.86
CA HIS B 192 30.50 33.47 -9.31
C HIS B 192 32.05 33.60 -9.30
N ILE B 193 32.68 33.14 -8.23
CA ILE B 193 34.14 33.14 -8.21
C ILE B 193 34.73 32.31 -9.44
N MET B 194 34.21 31.10 -9.69
CA MET B 194 34.74 30.34 -10.86
C MET B 194 34.58 31.12 -12.15
N GLU B 195 33.47 31.82 -12.26
CA GLU B 195 33.19 32.63 -13.42
C GLU B 195 34.23 33.77 -13.53
N GLN B 196 34.63 34.35 -12.41
CA GLN B 196 35.66 35.41 -12.43
CA GLN B 196 35.65 35.39 -12.47
C GLN B 196 36.97 34.82 -12.93
N PHE B 197 37.20 33.55 -12.58
CA PHE B 197 38.41 32.83 -13.05
C PHE B 197 38.25 32.08 -14.38
N GLY B 198 37.24 32.49 -15.14
CA GLY B 198 37.09 32.08 -16.57
C GLY B 198 36.34 30.79 -16.85
N VAL B 199 35.65 30.25 -15.84
CA VAL B 199 35.00 28.93 -15.99
C VAL B 199 33.48 29.05 -15.92
N GLN B 200 32.80 28.39 -16.86
CA GLN B 200 31.37 28.34 -16.98
C GLN B 200 30.83 27.04 -16.37
N VAL B 201 29.74 27.13 -15.62
CA VAL B 201 29.08 25.94 -15.06
C VAL B 201 27.61 26.09 -15.43
N ILE B 202 27.03 25.07 -16.07
CA ILE B 202 25.61 25.13 -16.44
C ILE B 202 24.83 24.74 -15.22
N ASN B 203 23.85 25.56 -14.87
CA ASN B 203 23.10 25.25 -13.63
C ASN B 203 21.66 24.99 -13.99
N HIS B 204 21.23 23.73 -13.89
CA HIS B 204 19.86 23.35 -14.15
C HIS B 204 19.03 23.50 -12.92
N ASP B 205 18.67 24.75 -12.64
CA ASP B 205 17.77 25.10 -11.53
C ASP B 205 18.19 24.47 -10.19
N TYR B 206 19.52 24.44 -9.94
CA TYR B 206 20.08 23.86 -8.68
C TYR B 206 19.77 22.37 -8.45
N GLN B 207 19.39 21.66 -9.52
CA GLN B 207 19.09 20.22 -9.44
C GLN B 207 20.22 19.40 -10.07
N GLU B 208 20.95 20.07 -10.95
CA GLU B 208 22.05 19.45 -11.64
C GLU B 208 22.98 20.56 -12.08
N PHE B 209 24.28 20.31 -12.00
CA PHE B 209 25.27 21.25 -12.50
C PHE B 209 26.13 20.52 -13.53
N VAL B 210 26.37 21.16 -14.64
CA VAL B 210 27.22 20.49 -15.65
C VAL B 210 28.42 21.37 -15.89
N ILE B 211 29.61 20.75 -15.82
CA ILE B 211 30.81 21.52 -16.05
C ILE B 211 31.34 21.01 -17.40
N PRO B 212 31.21 21.82 -18.46
CA PRO B 212 31.68 21.42 -19.79
C PRO B 212 33.15 21.13 -19.79
N ALA B 213 33.52 20.18 -20.66
CA ALA B 213 34.92 19.74 -20.76
C ALA B 213 35.84 20.75 -21.43
N GLY B 214 37.15 20.59 -21.20
CA GLY B 214 38.15 21.40 -21.90
C GLY B 214 38.41 22.80 -21.38
N GLN B 215 37.87 23.15 -20.20
CA GLN B 215 38.06 24.52 -19.70
C GLN B 215 39.28 24.59 -18.83
N SER B 216 39.76 25.80 -18.61
CA SER B 216 40.78 25.95 -17.62
C SER B 216 40.59 27.30 -16.92
N TYR B 217 41.15 27.42 -15.73
CA TYR B 217 41.07 28.72 -15.05
C TYR B 217 42.06 29.73 -15.66
N VAL B 218 41.65 30.98 -15.73
CA VAL B 218 42.44 32.04 -16.29
C VAL B 218 42.35 33.21 -15.30
N SER B 219 43.47 33.86 -15.02
CA SER B 219 43.48 34.98 -14.07
C SER B 219 42.64 36.11 -14.57
N PRO B 220 41.76 36.69 -13.71
CA PRO B 220 41.00 37.89 -14.04
C PRO B 220 41.91 39.15 -13.91
N GLY B 221 43.16 38.97 -13.48
CA GLY B 221 44.06 40.14 -13.27
C GLY B 221 43.92 40.40 -11.76
N GLN B 222 43.05 41.30 -11.34
CA GLN B 222 42.77 41.52 -9.92
C GLN B 222 41.52 40.73 -9.47
N PHE B 223 41.54 40.21 -8.25
CA PHE B 223 40.40 39.51 -7.67
C PHE B 223 40.21 40.17 -6.31
N LEU B 224 39.06 40.83 -6.11
CA LEU B 224 38.77 41.47 -4.85
CA LEU B 224 38.71 41.50 -4.86
C LEU B 224 38.09 40.51 -3.90
N VAL B 225 38.68 40.33 -2.73
CA VAL B 225 38.09 39.39 -1.75
C VAL B 225 37.03 40.13 -0.98
N GLU B 226 35.79 39.67 -1.03
CA GLU B 226 34.68 40.37 -0.33
C GLU B 226 34.79 40.21 1.19
N GLY B 227 34.18 41.12 1.95
CA GLY B 227 34.23 41.14 3.42
C GLY B 227 33.40 40.04 4.10
N VAL C 1 1.21 42.77 5.75
CA VAL C 1 2.05 41.69 5.13
C VAL C 1 1.75 40.30 5.77
N ASN C 2 1.75 39.27 4.94
CA ASN C 2 1.53 37.91 5.40
C ASN C 2 2.83 37.43 6.02
N LEU C 3 2.76 36.88 7.22
CA LEU C 3 3.95 36.42 7.88
C LEU C 3 4.23 34.98 7.43
N PRO C 4 5.53 34.61 7.35
CA PRO C 4 5.86 33.25 6.93
C PRO C 4 5.57 32.25 8.04
N GLY C 5 5.52 30.99 7.70
CA GLY C 5 5.26 30.01 8.72
C GLY C 5 6.43 29.83 9.65
N SER C 6 6.11 29.41 10.87
CA SER C 6 7.10 29.08 11.86
C SER C 6 7.97 27.92 11.32
N LYS C 7 9.28 27.99 11.55
CA LYS C 7 10.19 26.92 11.17
C LYS C 7 9.81 25.61 11.86
N SER C 8 9.57 25.70 13.19
CA SER C 8 9.30 24.48 13.94
C SER C 8 7.93 23.90 13.56
N VAL C 9 6.91 24.75 13.44
CA VAL C 9 5.57 24.24 13.04
C VAL C 9 5.69 23.65 11.60
N SER C 10 6.36 24.38 10.69
CA SER C 10 6.56 23.85 9.32
C SER C 10 7.12 22.43 9.39
N ASN C 11 8.19 22.19 10.14
CA ASN C 11 8.78 20.86 10.13
C ASN C 11 7.94 19.84 10.85
N ARG C 12 7.27 20.25 11.91
CA ARG C 12 6.40 19.29 12.62
C ARG C 12 5.22 18.88 11.71
N ALA C 13 4.68 19.83 10.98
CA ALA C 13 3.51 19.57 10.10
C ALA C 13 3.94 18.65 8.94
N LEU C 14 5.16 18.86 8.44
CA LEU C 14 5.61 17.99 7.37
C LEU C 14 5.72 16.55 7.91
N LEU C 15 6.24 16.39 9.10
CA LEU C 15 6.31 15.02 9.69
C LEU C 15 4.93 14.43 9.96
N LEU C 16 4.00 15.22 10.47
CA LEU C 16 2.68 14.67 10.71
C LEU C 16 2.04 14.33 9.36
N ALA C 17 2.24 15.18 8.37
CA ALA C 17 1.72 14.90 6.97
C ALA C 17 2.27 13.58 6.41
N ALA C 18 3.54 13.30 6.67
CA ALA C 18 4.17 12.05 6.25
C ALA C 18 3.59 10.84 6.99
N LEU C 19 3.30 10.98 8.27
CA LEU C 19 2.72 9.91 9.06
C LEU C 19 1.20 9.75 8.78
N ALA C 20 0.52 10.80 8.33
CA ALA C 20 -0.89 10.72 8.12
C ALA C 20 -1.28 9.82 6.93
N SER C 21 -2.51 9.36 6.93
CA SER C 21 -2.99 8.68 5.74
C SER C 21 -3.58 9.78 4.89
N GLY C 22 -3.41 9.65 3.56
CA GLY C 22 -4.00 10.66 2.65
C GLY C 22 -2.94 11.73 2.31
N THR C 23 -3.24 12.54 1.30
CA THR C 23 -2.37 13.60 0.84
C THR C 23 -2.74 14.94 1.48
N THR C 24 -1.77 15.58 2.16
CA THR C 24 -1.94 16.88 2.77
C THR C 24 -1.28 17.96 1.93
N ARG C 25 -1.99 19.05 1.73
CA ARG C 25 -1.43 20.18 1.03
C ARG C 25 -1.08 21.25 2.06
N LEU C 26 0.18 21.34 2.41
CA LEU C 26 0.60 22.35 3.36
C LEU C 26 0.83 23.69 2.65
N THR C 27 0.34 24.79 3.23
CA THR C 27 0.61 26.14 2.67
C THR C 27 1.25 27.02 3.77
N ASN C 28 1.89 28.11 3.35
CA ASN C 28 2.64 29.00 4.25
C ASN C 28 3.81 28.29 4.88
N LEU C 29 4.33 27.25 4.22
CA LEU C 29 5.52 26.58 4.75
C LEU C 29 6.70 27.58 4.71
N LEU C 30 7.63 27.53 5.67
CA LEU C 30 8.77 28.44 5.69
C LEU C 30 9.77 28.09 4.58
N ASP C 31 10.14 29.09 3.78
CA ASP C 31 11.14 28.88 2.77
C ASP C 31 12.53 28.93 3.50
N SER C 32 13.04 27.80 3.92
CA SER C 32 14.27 27.82 4.73
C SER C 32 15.00 26.54 4.53
N ASP C 33 16.32 26.57 4.66
CA ASP C 33 17.09 25.30 4.51
C ASP C 33 16.68 24.24 5.55
N ASP C 34 16.20 24.63 6.74
CA ASP C 34 15.84 23.61 7.70
C ASP C 34 14.60 22.81 7.26
N ILE C 35 13.71 23.44 6.47
CA ILE C 35 12.57 22.75 5.89
C ILE C 35 13.15 21.83 4.78
N ARG C 36 14.07 22.35 4.00
CA ARG C 36 14.71 21.49 2.97
C ARG C 36 15.37 20.22 3.55
N HIS C 37 16.01 20.35 4.72
CA HIS C 37 16.63 19.20 5.36
C HIS C 37 15.57 18.16 5.75
N MET C 38 14.44 18.65 6.29
CA MET C 38 13.35 17.73 6.67
C MET C 38 12.84 17.07 5.36
N LEU C 39 12.62 17.85 4.30
CA LEU C 39 12.12 17.21 3.04
C LEU C 39 13.10 16.17 2.53
N ASN C 40 14.39 16.46 2.64
CA ASN C 40 15.34 15.51 2.16
C ASN C 40 15.29 14.21 2.96
N ALA C 41 15.06 14.32 4.28
CA ALA C 41 14.94 13.13 5.15
C ALA C 41 13.71 12.32 4.78
N LEU C 42 12.58 13.00 4.60
CA LEU C 42 11.32 12.38 4.18
C LEU C 42 11.52 11.58 2.87
N THR C 43 12.25 12.16 1.93
N THR C 43 12.24 12.13 1.91
CA THR C 43 12.58 11.43 0.69
CA THR C 43 12.50 11.34 0.71
C THR C 43 13.38 10.15 1.00
C THR C 43 13.34 10.11 1.03
N LYS C 44 14.39 10.28 1.83
CA LYS C 44 15.21 9.12 2.17
C LYS C 44 14.36 8.09 2.88
N LEU C 45 13.31 8.55 3.57
CA LEU C 45 12.40 7.66 4.36
C LEU C 45 11.24 7.10 3.50
N GLY C 46 11.25 7.42 2.21
CA GLY C 46 10.27 6.90 1.24
C GLY C 46 8.99 7.68 1.06
N VAL C 47 9.00 8.93 1.48
CA VAL C 47 7.80 9.76 1.34
C VAL C 47 7.85 10.55 -0.01
N ASN C 48 6.76 10.54 -0.76
CA ASN C 48 6.68 11.30 -2.01
CA ASN C 48 6.69 11.30 -2.01
C ASN C 48 6.03 12.63 -1.71
N TYR C 49 6.55 13.71 -2.28
CA TYR C 49 5.92 15.04 -2.05
C TYR C 49 6.16 15.88 -3.29
N ARG C 50 5.37 16.94 -3.44
CA ARG C 50 5.53 17.87 -4.53
CA ARG C 50 5.53 17.85 -4.54
C ARG C 50 5.65 19.26 -3.91
N LEU C 51 6.84 19.82 -3.97
CA LEU C 51 7.06 21.18 -3.42
C LEU C 51 6.83 22.22 -4.53
N SER C 52 5.98 23.21 -4.29
CA SER C 52 5.77 24.26 -5.28
C SER C 52 6.97 25.16 -5.52
N ALA C 53 6.99 25.81 -6.67
CA ALA C 53 8.10 26.69 -7.01
C ALA C 53 8.13 27.85 -6.04
N ASP C 54 6.96 28.24 -5.46
CA ASP C 54 6.88 29.36 -4.50
C ASP C 54 7.67 28.99 -3.18
N LYS C 55 8.00 27.70 -3.01
CA LYS C 55 8.67 27.14 -1.80
C LYS C 55 7.81 27.23 -0.54
N THR C 56 6.54 27.63 -0.66
CA THR C 56 5.70 27.76 0.54
C THR C 56 4.54 26.79 0.52
N THR C 57 4.31 26.12 -0.61
CA THR C 57 3.21 25.15 -0.69
C THR C 57 3.78 23.75 -0.93
N CYS C 58 3.31 22.73 -0.21
CA CYS C 58 3.88 21.40 -0.44
C CYS C 58 2.84 20.32 -0.27
N GLU C 59 2.78 19.40 -1.24
CA GLU C 59 1.82 18.28 -1.15
C GLU C 59 2.56 17.03 -0.76
N VAL C 60 2.20 16.47 0.40
CA VAL C 60 2.86 15.32 0.93
C VAL C 60 1.92 14.13 0.88
N GLU C 61 2.33 13.06 0.22
CA GLU C 61 1.54 11.85 0.18
CA GLU C 61 1.50 11.86 0.21
C GLU C 61 1.88 11.07 1.44
N GLY C 62 0.97 11.08 2.38
CA GLY C 62 1.18 10.41 3.66
C GLY C 62 1.32 8.92 3.55
N LEU C 63 2.13 8.37 4.43
CA LEU C 63 2.31 6.92 4.52
C LEU C 63 1.16 6.28 5.34
N GLY C 64 0.51 7.08 6.20
CA GLY C 64 -0.56 6.48 7.05
C GLY C 64 0.01 5.54 8.12
N GLN C 65 1.35 5.64 8.30
CA GLN C 65 2.12 4.85 9.28
C GLN C 65 3.49 5.49 9.55
N ALA C 66 4.24 4.91 10.49
CA ALA C 66 5.57 5.41 10.76
C ALA C 66 6.54 4.88 9.69
N PHE C 67 7.84 5.12 9.84
CA PHE C 67 8.76 4.73 8.74
C PHE C 67 9.20 3.28 8.81
N HIS C 68 9.21 2.59 7.69
CA HIS C 68 9.61 1.16 7.64
C HIS C 68 10.54 1.07 6.48
N THR C 69 11.83 1.14 6.74
CA THR C 69 12.81 1.17 5.65
C THR C 69 13.60 -0.09 5.87
N THR C 70 14.17 -0.61 4.82
CA THR C 70 14.86 -1.89 4.96
C THR C 70 16.37 -1.71 5.06
N GLN C 71 16.90 -0.78 4.25
CA GLN C 71 18.33 -0.57 4.25
C GLN C 71 18.70 0.36 5.39
N PRO C 72 19.77 0.02 6.14
CA PRO C 72 20.21 0.92 7.17
C PRO C 72 20.51 2.25 6.45
N LEU C 73 20.22 3.37 7.12
CA LEU C 73 20.31 4.70 6.49
C LEU C 73 20.93 5.72 7.39
N GLU C 74 21.64 6.65 6.79
CA GLU C 74 22.14 7.80 7.53
C GLU C 74 21.24 8.98 7.16
N LEU C 75 20.78 9.71 8.14
CA LEU C 75 19.96 10.90 7.89
C LEU C 75 20.81 12.11 8.37
N PHE C 76 21.52 12.73 7.42
CA PHE C 76 22.31 13.91 7.70
C PHE C 76 21.40 15.16 7.61
N LEU C 77 21.30 15.89 8.70
CA LEU C 77 20.41 17.04 8.76
C LEU C 77 21.03 18.44 8.86
N GLY C 78 22.28 18.62 8.47
CA GLY C 78 22.89 19.96 8.52
C GLY C 78 22.82 20.38 10.00
N ASN C 79 22.31 21.58 10.23
CA ASN C 79 22.07 22.00 11.60
C ASN C 79 20.59 22.24 11.88
N ALA C 80 19.73 21.44 11.24
CA ALA C 80 18.26 21.59 11.37
C ALA C 80 17.73 20.84 12.64
N GLY C 81 17.88 21.48 13.80
CA GLY C 81 17.38 20.95 15.06
C GLY C 81 15.87 20.68 15.02
N THR C 82 15.13 21.55 14.34
CA THR C 82 13.69 21.35 14.23
C THR C 82 13.32 20.14 13.37
N ALA C 83 14.27 19.57 12.63
CA ALA C 83 13.99 18.29 11.92
C ALA C 83 14.49 17.15 12.80
N MET C 84 15.67 17.36 13.43
CA MET C 84 16.24 16.31 14.18
CA MET C 84 16.28 16.33 14.25
C MET C 84 15.44 15.89 15.43
N ARG C 85 14.89 16.84 16.16
CA ARG C 85 14.19 16.45 17.38
C ARG C 85 12.90 15.65 17.09
N PRO C 86 12.03 16.14 16.18
CA PRO C 86 10.81 15.34 15.92
C PRO C 86 11.15 13.93 15.31
N LEU C 87 12.18 13.88 14.45
CA LEU C 87 12.58 12.56 13.85
C LEU C 87 13.20 11.61 14.83
N ALA C 88 13.93 12.16 15.81
CA ALA C 88 14.59 11.32 16.86
C ALA C 88 13.50 10.43 17.53
N ALA C 89 12.33 11.02 17.78
CA ALA C 89 11.22 10.27 18.34
C ALA C 89 10.50 9.42 17.29
N ALA C 90 10.24 9.99 16.13
CA ALA C 90 9.43 9.22 15.15
C ALA C 90 10.13 8.03 14.60
N LEU C 91 11.45 8.10 14.47
CA LEU C 91 12.18 6.94 13.93
C LEU C 91 12.14 5.72 14.85
N CYS C 92 11.75 5.92 16.12
CA CYS C 92 11.59 4.75 17.05
C CYS C 92 10.35 3.90 16.75
N LEU C 93 9.41 4.48 16.02
CA LEU C 93 8.11 3.83 15.90
C LEU C 93 7.93 2.69 14.91
N GLY C 94 8.70 2.73 13.84
CA GLY C 94 8.48 1.77 12.74
C GLY C 94 9.50 0.66 12.78
N GLN C 95 10.16 0.45 11.66
CA GLN C 95 11.21 -0.60 11.56
C GLN C 95 12.35 0.02 10.84
N GLY C 96 13.56 -0.37 11.17
CA GLY C 96 14.73 0.14 10.46
C GLY C 96 15.87 0.42 11.42
N ASP C 97 16.98 0.89 10.86
CA ASP C 97 18.20 1.16 11.62
C ASP C 97 18.69 2.47 11.00
N TYR C 98 18.72 3.51 11.82
CA TYR C 98 19.07 4.84 11.38
C TYR C 98 20.19 5.52 12.11
N VAL C 99 21.00 6.28 11.36
CA VAL C 99 21.95 7.13 12.02
C VAL C 99 21.43 8.58 11.82
N LEU C 100 21.09 9.24 12.93
CA LEU C 100 20.54 10.60 12.83
C LEU C 100 21.67 11.56 13.21
N THR C 101 22.04 12.42 12.27
CA THR C 101 23.23 13.16 12.50
C THR C 101 23.19 14.48 11.77
N GLY C 102 24.30 15.19 11.85
CA GLY C 102 24.38 16.51 11.20
C GLY C 102 25.78 17.05 11.22
N GLU C 103 25.90 18.33 10.93
CA GLU C 103 27.17 18.99 10.92
C GLU C 103 27.67 19.13 12.38
N PRO C 104 28.92 19.55 12.57
CA PRO C 104 29.40 19.57 13.99
C PRO C 104 28.52 20.39 14.96
N ARG C 105 27.95 21.49 14.52
CA ARG C 105 27.08 22.26 15.38
C ARG C 105 25.86 21.45 15.82
N MET C 106 25.37 20.54 14.98
CA MET C 106 24.21 19.68 15.40
C MET C 106 24.64 18.80 16.58
N LYS C 107 25.92 18.39 16.59
CA LYS C 107 26.46 17.48 17.64
C LYS C 107 26.63 18.18 18.98
N GLU C 108 26.30 19.46 18.97
CA GLU C 108 26.33 20.29 20.16
C GLU C 108 24.91 20.52 20.71
N ARG C 109 23.90 20.00 20.02
CA ARG C 109 22.48 20.20 20.46
C ARG C 109 22.14 19.06 21.43
N PRO C 110 21.89 19.38 22.70
CA PRO C 110 21.48 18.40 23.70
C PRO C 110 20.19 17.67 23.24
N ILE C 111 20.13 16.38 23.51
CA ILE C 111 18.99 15.57 23.10
C ILE C 111 18.64 14.51 24.16
N GLY C 112 19.43 14.49 25.25
CA GLY C 112 19.28 13.47 26.31
C GLY C 112 17.90 13.33 26.96
N HIS C 113 17.24 14.45 27.21
CA HIS C 113 15.92 14.40 27.84
C HIS C 113 14.89 13.74 26.94
N LEU C 114 15.00 13.95 25.62
CA LEU C 114 14.10 13.28 24.69
C LEU C 114 14.45 11.77 24.65
N VAL C 115 15.74 11.44 24.52
CA VAL C 115 16.15 10.02 24.50
C VAL C 115 15.65 9.27 25.78
N ASP C 116 15.70 9.96 26.94
CA ASP C 116 15.29 9.41 28.23
C ASP C 116 13.81 9.08 28.22
N ALA C 117 12.99 9.98 27.66
CA ALA C 117 11.55 9.75 27.63
C ALA C 117 11.22 8.54 26.71
N LEU C 118 11.86 8.50 25.56
CA LEU C 118 11.65 7.43 24.59
C LEU C 118 12.12 6.07 25.14
N ARG C 119 13.25 6.10 25.84
CA ARG C 119 13.74 4.84 26.44
C ARG C 119 12.75 4.32 27.50
N GLN C 120 12.07 5.23 28.21
CA GLN C 120 11.09 4.80 29.20
C GLN C 120 9.99 4.01 28.52
N ALA C 121 9.74 4.31 27.24
CA ALA C 121 8.71 3.60 26.47
C ALA C 121 9.29 2.50 25.62
N GLY C 122 10.48 2.06 25.99
CA GLY C 122 11.13 0.91 25.35
C GLY C 122 11.98 1.20 24.13
N ALA C 123 12.18 2.49 23.78
CA ALA C 123 13.00 2.77 22.59
C ALA C 123 14.42 2.21 22.66
N GLN C 124 14.98 1.89 21.50
CA GLN C 124 16.37 1.43 21.42
CA GLN C 124 16.37 1.44 21.46
C GLN C 124 17.20 2.53 20.69
N ILE C 125 17.91 3.32 21.48
CA ILE C 125 18.68 4.45 21.01
C ILE C 125 20.06 4.42 21.57
N GLU C 126 21.06 4.61 20.71
CA GLU C 126 22.44 4.58 21.21
C GLU C 126 23.11 5.92 20.84
N TYR C 127 23.90 6.46 21.78
CA TYR C 127 24.69 7.63 21.49
C TYR C 127 25.92 7.14 20.78
N LEU C 128 26.16 7.58 19.55
CA LEU C 128 27.35 7.10 18.81
C LEU C 128 28.65 7.78 19.16
N GLU C 129 28.55 8.97 19.71
CA GLU C 129 29.75 9.73 20.08
C GLU C 129 29.63 10.15 21.53
N GLN C 130 28.99 11.26 21.83
CA GLN C 130 28.92 11.68 23.21
C GLN C 130 27.57 11.47 23.79
N GLU C 131 27.56 10.96 25.02
CA GLU C 131 26.35 10.75 25.80
C GLU C 131 25.58 12.04 25.80
N ASN C 132 24.28 11.95 25.54
CA ASN C 132 23.36 13.08 25.57
C ASN C 132 23.32 14.04 24.37
N PHE C 133 24.09 13.71 23.33
CA PHE C 133 24.11 14.50 22.09
C PHE C 133 24.01 13.63 20.83
N PRO C 134 23.61 14.24 19.68
CA PRO C 134 23.66 13.52 18.42
C PRO C 134 25.17 13.28 18.09
N PRO C 135 25.49 12.32 17.21
CA PRO C 135 24.64 11.44 16.45
C PRO C 135 24.05 10.30 17.27
N LEU C 136 22.83 9.93 16.90
CA LEU C 136 22.09 8.83 17.52
C LEU C 136 21.97 7.67 16.53
N ARG C 137 22.03 6.44 17.02
CA ARG C 137 21.69 5.31 16.17
C ARG C 137 20.34 4.83 16.76
N ILE C 138 19.33 4.76 15.93
CA ILE C 138 18.00 4.50 16.42
C ILE C 138 17.45 3.27 15.70
N GLN C 139 16.87 2.34 16.46
CA GLN C 139 16.18 1.16 15.83
C GLN C 139 14.69 1.38 15.85
N GLY C 140 14.02 1.00 14.77
CA GLY C 140 12.54 1.07 14.77
C GLY C 140 12.05 -0.12 15.61
N THR C 141 11.44 0.14 16.76
CA THR C 141 10.98 -0.93 17.60
C THR C 141 9.50 -0.82 17.93
N GLY C 142 8.89 0.33 17.63
CA GLY C 142 7.59 0.61 18.19
C GLY C 142 7.87 1.14 19.63
N LEU C 143 6.87 1.78 20.24
CA LEU C 143 6.94 2.29 21.60
C LEU C 143 5.87 1.53 22.34
N GLN C 144 6.13 1.30 23.62
CA GLN C 144 5.24 0.49 24.46
C GLN C 144 4.12 1.36 24.99
N ALA C 145 3.01 0.72 25.32
CA ALA C 145 1.95 1.41 26.01
C ALA C 145 2.39 1.53 27.50
N GLY C 146 1.99 2.60 28.17
CA GLY C 146 2.28 2.72 29.60
C GLY C 146 2.52 4.18 29.89
N THR C 147 3.01 4.42 31.08
CA THR C 147 3.29 5.74 31.58
C THR C 147 4.76 6.09 31.46
N VAL C 148 5.03 7.33 31.09
CA VAL C 148 6.38 7.84 31.10
C VAL C 148 6.36 9.05 32.04
N THR C 149 7.47 9.27 32.72
CA THR C 149 7.52 10.38 33.64
C THR C 149 8.44 11.43 33.08
N ILE C 150 7.93 12.66 32.97
CA ILE C 150 8.72 13.76 32.39
C ILE C 150 8.80 14.97 33.32
N ASP C 151 10.00 15.56 33.44
CA ASP C 151 10.16 16.75 34.30
C ASP C 151 9.43 18.01 33.74
N GLY C 152 8.77 18.78 34.59
CA GLY C 152 8.05 19.96 34.08
C GLY C 152 8.98 21.00 33.47
N SER C 153 10.26 20.97 33.85
CA SER C 153 11.26 21.97 33.32
C SER C 153 11.82 21.59 31.95
N ILE C 154 11.37 20.45 31.44
CA ILE C 154 11.88 20.00 30.13
C ILE C 154 11.72 21.03 28.99
N SER C 155 12.67 21.13 28.11
CA SER C 155 12.46 22.02 26.96
C SER C 155 11.22 21.51 26.19
N SER C 156 10.36 22.42 25.78
CA SER C 156 9.12 22.01 25.19
C SER C 156 9.37 21.26 23.89
N GLN C 157 10.46 21.56 23.20
CA GLN C 157 10.73 20.88 21.95
C GLN C 157 10.80 19.38 22.15
N PHE C 158 11.29 18.94 23.31
CA PHE C 158 11.46 17.49 23.55
C PHE C 158 10.12 16.85 23.87
N LEU C 159 9.34 17.52 24.70
CA LEU C 159 8.01 17.01 25.06
C LEU C 159 7.15 16.97 23.78
N THR C 160 7.22 18.00 22.98
CA THR C 160 6.49 18.02 21.70
C THR C 160 6.89 16.83 20.80
N ALA C 161 8.18 16.61 20.61
CA ALA C 161 8.64 15.46 19.84
C ALA C 161 8.07 14.13 20.34
N PHE C 162 8.14 13.95 21.62
CA PHE C 162 7.60 12.72 22.25
C PHE C 162 6.08 12.64 22.04
N LEU C 163 5.37 13.75 22.31
CA LEU C 163 3.94 13.79 22.09
C LEU C 163 3.52 13.43 20.66
N MET C 164 4.20 13.96 19.65
CA MET C 164 3.79 13.68 18.24
CA MET C 164 3.80 13.68 18.24
C MET C 164 3.91 12.21 17.86
N SER C 165 4.85 11.51 18.48
CA SER C 165 5.06 10.09 18.22
C SER C 165 4.14 9.13 19.05
N ALA C 166 3.74 9.55 20.24
CA ALA C 166 2.94 8.75 21.18
C ALA C 166 1.69 8.04 20.61
N PRO C 167 0.93 8.71 19.75
CA PRO C 167 -0.27 8.03 19.23
C PRO C 167 0.02 6.77 18.46
N LEU C 168 1.23 6.63 17.93
CA LEU C 168 1.57 5.42 17.17
C LEU C 168 2.24 4.33 18.04
N ALA C 169 2.18 4.51 19.36
CA ALA C 169 2.73 3.49 20.27
C ALA C 169 1.83 2.25 20.20
N GLN C 170 2.22 1.18 20.89
CA GLN C 170 1.50 -0.11 20.87
C GLN C 170 0.14 -0.01 21.54
N GLY C 171 0.02 0.94 22.47
CA GLY C 171 -1.24 1.14 23.22
C GLY C 171 -1.25 2.51 23.89
N LYS C 172 -2.19 2.72 24.80
CA LYS C 172 -2.34 4.02 25.45
C LYS C 172 -1.06 4.50 26.16
N VAL C 173 -0.78 5.80 26.01
CA VAL C 173 0.41 6.38 26.61
C VAL C 173 -0.07 7.44 27.57
N THR C 174 0.54 7.44 28.74
CA THR C 174 0.26 8.38 29.74
C THR C 174 1.56 9.12 30.03
N ILE C 175 1.51 10.44 30.02
CA ILE C 175 2.69 11.21 30.36
C ILE C 175 2.43 11.90 31.67
N LYS C 176 3.24 11.60 32.68
CA LYS C 176 3.09 12.26 33.99
C LYS C 176 4.13 13.33 34.12
N ILE C 177 3.68 14.53 34.39
CA ILE C 177 4.57 15.67 34.59
C ILE C 177 4.97 15.85 36.05
N VAL C 178 6.26 15.94 36.33
CA VAL C 178 6.73 16.15 37.70
C VAL C 178 6.84 17.67 37.87
N GLY C 179 6.06 18.24 38.76
CA GLY C 179 6.13 19.68 39.02
C GLY C 179 5.24 20.50 38.07
N GLU C 180 5.67 21.72 37.76
CA GLU C 180 4.83 22.65 36.97
C GLU C 180 5.40 22.75 35.60
N LEU C 181 4.61 22.42 34.59
CA LEU C 181 5.12 22.43 33.21
C LEU C 181 5.40 23.84 32.68
N VAL C 182 6.57 24.07 32.08
CA VAL C 182 6.91 25.38 31.54
C VAL C 182 6.55 25.37 30.05
N SER C 183 6.48 26.55 29.43
CA SER C 183 6.20 26.64 27.98
C SER C 183 4.87 26.04 27.61
N LYS C 184 3.88 26.25 28.47
CA LYS C 184 2.58 25.69 28.18
C LYS C 184 2.03 26.15 26.80
N PRO C 185 2.20 27.43 26.42
CA PRO C 185 1.63 27.85 25.09
C PRO C 185 2.30 27.10 23.92
N TYR C 186 3.55 26.69 24.09
CA TYR C 186 4.22 25.92 23.06
C TYR C 186 3.62 24.54 23.00
N ILE C 187 3.32 23.96 24.17
CA ILE C 187 2.72 22.62 24.14
C ILE C 187 1.32 22.75 23.49
N ASP C 188 0.58 23.85 23.79
CA ASP C 188 -0.77 24.06 23.18
C ASP C 188 -0.74 24.00 21.64
N ILE C 189 0.28 24.61 21.06
CA ILE C 189 0.47 24.62 19.61
C ILE C 189 0.62 23.16 19.12
N THR C 190 1.47 22.38 19.78
CA THR C 190 1.66 20.97 19.38
C THR C 190 0.39 20.15 19.48
N LEU C 191 -0.32 20.32 20.60
CA LEU C 191 -1.61 19.60 20.79
C LEU C 191 -2.64 20.03 19.76
N HIS C 192 -2.58 21.31 19.40
CA HIS C 192 -3.46 21.83 18.40
C HIS C 192 -3.14 21.27 17.03
N ILE C 193 -1.88 21.29 16.63
CA ILE C 193 -1.54 20.72 15.32
C ILE C 193 -1.87 19.19 15.28
N MET C 194 -1.63 18.47 16.37
CA MET C 194 -2.00 17.05 16.44
C MET C 194 -3.53 16.86 16.26
N GLU C 195 -4.31 17.77 16.81
CA GLU C 195 -5.74 17.72 16.69
C GLU C 195 -6.12 17.90 15.23
N GLN C 196 -5.49 18.87 14.57
CA GLN C 196 -5.80 19.14 13.15
C GLN C 196 -5.49 17.92 12.28
N PHE C 197 -4.54 17.11 12.73
CA PHE C 197 -4.17 15.89 11.99
C PHE C 197 -4.89 14.65 12.52
N GLY C 198 -6.04 14.91 13.16
CA GLY C 198 -6.95 13.90 13.63
C GLY C 198 -6.72 13.15 14.90
N VAL C 199 -5.80 13.61 15.73
CA VAL C 199 -5.43 12.90 16.92
C VAL C 199 -5.70 13.73 18.15
N GLN C 200 -6.29 13.08 19.12
CA GLN C 200 -6.69 13.70 20.38
C GLN C 200 -5.81 13.30 21.55
N VAL C 201 -5.53 14.28 22.41
CA VAL C 201 -4.75 14.09 23.62
C VAL C 201 -5.56 14.65 24.75
N ILE C 202 -5.68 13.89 25.83
CA ILE C 202 -6.41 14.39 26.99
C ILE C 202 -5.41 15.10 27.89
N ASN C 203 -5.69 16.37 28.14
CA ASN C 203 -4.83 17.21 28.95
C ASN C 203 -5.37 17.50 30.33
N HIS C 204 -4.88 16.82 31.36
CA HIS C 204 -5.33 17.08 32.73
C HIS C 204 -4.54 18.25 33.36
N ASP C 205 -4.97 19.47 33.04
CA ASP C 205 -4.38 20.70 33.56
C ASP C 205 -2.84 20.69 33.56
N TYR C 206 -2.28 20.09 32.51
CA TYR C 206 -0.83 20.06 32.27
C TYR C 206 -0.01 19.29 33.30
N GLN C 207 -0.67 18.45 34.08
CA GLN C 207 0.00 17.58 35.02
C GLN C 207 0.09 16.16 34.48
N GLU C 208 -0.81 15.86 33.54
CA GLU C 208 -0.81 14.56 32.94
C GLU C 208 -1.43 14.66 31.55
N PHE C 209 -0.82 13.98 30.57
CA PHE C 209 -1.36 13.94 29.18
C PHE C 209 -1.67 12.48 28.89
N VAL C 210 -2.88 12.19 28.41
CA VAL C 210 -3.25 10.81 28.11
C VAL C 210 -3.51 10.74 26.62
N ILE C 211 -2.84 9.79 25.98
CA ILE C 211 -3.01 9.63 24.55
C ILE C 211 -3.69 8.28 24.37
N PRO C 212 -5.03 8.29 24.15
CA PRO C 212 -5.79 7.02 24.03
C PRO C 212 -5.26 6.17 22.87
N ALA C 213 -5.30 4.84 23.05
CA ALA C 213 -4.76 3.89 22.05
C ALA C 213 -5.53 3.84 20.73
N GLY C 214 -4.84 3.33 19.70
CA GLY C 214 -5.48 3.04 18.44
C GLY C 214 -5.73 4.16 17.47
N GLN C 215 -5.27 5.38 17.79
CA GLN C 215 -5.52 6.48 16.87
C GLN C 215 -4.50 6.46 15.73
N SER C 216 -4.77 7.16 14.63
N SER C 216 -4.83 7.22 14.68
CA SER C 216 -3.81 7.29 13.56
CA SER C 216 -4.05 7.42 13.53
C SER C 216 -4.01 8.69 12.97
C SER C 216 -4.03 8.87 13.10
N TYR C 217 -2.93 9.34 12.51
CA TYR C 217 -2.96 10.68 11.95
C TYR C 217 -3.72 10.56 10.61
N VAL C 218 -4.52 11.57 10.28
CA VAL C 218 -5.30 11.59 9.07
C VAL C 218 -5.12 12.95 8.44
N SER C 219 -4.90 12.96 7.15
CA SER C 219 -4.76 14.23 6.43
C SER C 219 -5.95 15.16 6.61
N PRO C 220 -5.69 16.43 6.95
CA PRO C 220 -6.80 17.37 7.01
C PRO C 220 -7.10 17.93 5.64
N GLY C 221 -6.40 17.49 4.59
CA GLY C 221 -6.63 17.99 3.23
C GLY C 221 -5.72 19.17 2.97
N GLN C 222 -6.08 20.31 3.55
CA GLN C 222 -5.23 21.50 3.54
C GLN C 222 -4.80 21.84 4.96
N PHE C 223 -3.55 22.28 5.15
CA PHE C 223 -3.09 22.71 6.44
C PHE C 223 -2.28 23.99 6.25
N LEU C 224 -2.68 25.06 6.94
CA LEU C 224 -1.98 26.32 6.85
C LEU C 224 -1.00 26.43 8.01
N VAL C 225 0.27 26.60 7.67
CA VAL C 225 1.27 26.60 8.70
C VAL C 225 1.23 27.93 9.44
N GLU C 226 1.10 27.86 10.74
CA GLU C 226 1.11 29.05 11.58
C GLU C 226 2.47 29.76 11.63
N GLY C 227 2.43 31.05 11.93
CA GLY C 227 3.65 31.91 11.99
C GLY C 227 4.30 31.97 13.36
N ASP C 228 5.38 32.75 13.44
CA ASP C 228 6.23 33.03 14.63
C ASP C 228 6.41 31.83 15.52
N ASN D 2 -42.48 4.33 -11.83
CA ASN D 2 -42.31 2.87 -12.22
C ASN D 2 -41.86 2.00 -11.06
N LEU D 3 -42.65 1.01 -10.73
CA LEU D 3 -42.24 0.16 -9.66
C LEU D 3 -41.55 -1.09 -10.23
N PRO D 4 -40.52 -1.61 -9.55
CA PRO D 4 -39.88 -2.80 -10.14
C PRO D 4 -40.80 -4.02 -10.11
N GLY D 5 -40.47 -5.02 -10.91
CA GLY D 5 -41.29 -6.23 -10.88
C GLY D 5 -41.07 -7.07 -9.64
N SER D 6 -42.10 -7.84 -9.26
CA SER D 6 -42.02 -8.80 -8.20
C SER D 6 -40.93 -9.83 -8.47
N LYS D 7 -40.17 -10.19 -7.47
CA LYS D 7 -39.15 -11.19 -7.71
C LYS D 7 -39.75 -12.56 -8.00
N SER D 8 -40.78 -12.95 -7.26
CA SER D 8 -41.31 -14.29 -7.41
C SER D 8 -42.06 -14.37 -8.76
N VAL D 9 -42.79 -13.33 -9.13
CA VAL D 9 -43.47 -13.34 -10.42
C VAL D 9 -42.43 -13.35 -11.54
N SER D 10 -41.36 -12.54 -11.42
CA SER D 10 -40.31 -12.49 -12.49
C SER D 10 -39.77 -13.94 -12.76
N ASN D 11 -39.39 -14.61 -11.67
CA ASN D 11 -38.80 -15.97 -11.84
C ASN D 11 -39.79 -16.99 -12.33
N ARG D 12 -41.01 -16.89 -11.87
CA ARG D 12 -42.06 -17.87 -12.33
C ARG D 12 -42.35 -17.64 -13.81
N ALA D 13 -42.43 -16.37 -14.20
CA ALA D 13 -42.74 -16.04 -15.58
C ALA D 13 -41.59 -16.51 -16.52
N LEU D 14 -40.33 -16.31 -16.09
CA LEU D 14 -39.17 -16.79 -16.88
C LEU D 14 -39.30 -18.29 -17.06
N LEU D 15 -39.65 -19.04 -15.99
CA LEU D 15 -39.79 -20.50 -16.14
C LEU D 15 -40.91 -20.88 -17.10
N LEU D 16 -42.06 -20.22 -16.96
CA LEU D 16 -43.16 -20.55 -17.86
C LEU D 16 -42.78 -20.18 -19.30
N ALA D 17 -42.08 -19.06 -19.48
CA ALA D 17 -41.70 -18.71 -20.83
C ALA D 17 -40.71 -19.76 -21.42
N ALA D 18 -39.88 -20.37 -20.59
CA ALA D 18 -38.96 -21.38 -21.05
C ALA D 18 -39.72 -22.67 -21.46
N LEU D 19 -40.80 -22.97 -20.80
CA LEU D 19 -41.59 -24.17 -21.04
C LEU D 19 -42.52 -23.96 -22.20
N ALA D 20 -42.87 -22.70 -22.49
CA ALA D 20 -43.87 -22.41 -23.53
C ALA D 20 -43.36 -22.56 -24.97
N SER D 21 -44.32 -22.68 -25.92
CA SER D 21 -44.02 -22.59 -27.35
C SER D 21 -44.08 -21.10 -27.71
N GLY D 22 -43.10 -20.61 -28.46
CA GLY D 22 -43.10 -19.21 -28.90
C GLY D 22 -42.11 -18.44 -28.08
N THR D 23 -41.88 -17.22 -28.52
CA THR D 23 -40.97 -16.28 -27.85
C THR D 23 -41.80 -15.28 -27.07
N THR D 24 -41.48 -15.17 -25.80
CA THR D 24 -42.21 -14.25 -24.90
C THR D 24 -41.34 -13.04 -24.61
N ARG D 25 -41.91 -11.86 -24.72
CA ARG D 25 -41.24 -10.64 -24.31
C ARG D 25 -41.72 -10.28 -22.90
N LEU D 26 -40.92 -10.61 -21.87
CA LEU D 26 -41.26 -10.17 -20.50
C LEU D 26 -40.94 -8.71 -20.24
N THR D 27 -41.91 -7.94 -19.73
CA THR D 27 -41.57 -6.54 -19.41
C THR D 27 -41.70 -6.31 -17.89
N ASN D 28 -40.92 -5.38 -17.38
CA ASN D 28 -40.84 -5.06 -15.95
C ASN D 28 -40.24 -6.18 -15.11
N LEU D 29 -39.41 -7.02 -15.76
CA LEU D 29 -38.72 -8.08 -15.06
C LEU D 29 -37.81 -7.37 -14.05
N LEU D 30 -37.64 -7.97 -12.85
CA LEU D 30 -36.82 -7.42 -11.78
C LEU D 30 -35.33 -7.56 -12.14
N ASP D 31 -34.56 -6.47 -12.04
CA ASP D 31 -33.12 -6.56 -12.27
C ASP D 31 -32.53 -6.94 -10.90
N SER D 32 -32.25 -8.23 -10.64
CA SER D 32 -31.65 -8.54 -9.32
C SER D 32 -30.98 -9.89 -9.44
N ASP D 33 -30.07 -10.20 -8.51
CA ASP D 33 -29.31 -11.44 -8.58
C ASP D 33 -30.15 -12.69 -8.60
N ASP D 34 -31.31 -12.67 -7.92
CA ASP D 34 -32.13 -13.88 -7.97
C ASP D 34 -32.71 -14.16 -9.38
N ILE D 35 -32.90 -13.11 -10.15
CA ILE D 35 -33.35 -13.27 -11.55
C ILE D 35 -32.15 -13.81 -12.36
N ARG D 36 -30.96 -13.22 -12.14
CA ARG D 36 -29.76 -13.69 -12.83
C ARG D 36 -29.51 -15.21 -12.56
N HIS D 37 -29.77 -15.66 -11.35
CA HIS D 37 -29.60 -17.14 -11.03
C HIS D 37 -30.52 -17.94 -11.89
N MET D 38 -31.79 -17.50 -11.98
CA MET D 38 -32.73 -18.19 -12.85
C MET D 38 -32.28 -18.16 -14.33
N LEU D 39 -31.87 -16.99 -14.86
CA LEU D 39 -31.34 -16.86 -16.22
C LEU D 39 -30.16 -17.79 -16.44
N ASN D 40 -29.27 -17.89 -15.47
CA ASN D 40 -28.12 -18.80 -15.62
C ASN D 40 -28.58 -20.29 -15.59
N ALA D 41 -29.56 -20.60 -14.74
CA ALA D 41 -30.08 -21.94 -14.77
C ALA D 41 -30.76 -22.28 -16.16
N LEU D 42 -31.53 -21.34 -16.71
CA LEU D 42 -32.21 -21.57 -17.96
C LEU D 42 -31.20 -21.77 -19.10
N THR D 43 -30.11 -21.00 -19.08
CA THR D 43 -29.02 -21.21 -20.06
C THR D 43 -28.46 -22.63 -19.97
N LYS D 44 -28.19 -23.08 -18.77
CA LYS D 44 -27.70 -24.46 -18.57
C LYS D 44 -28.70 -25.48 -19.04
N LEU D 45 -29.97 -25.09 -19.04
CA LEU D 45 -31.08 -25.97 -19.50
C LEU D 45 -31.38 -25.87 -20.99
N GLY D 46 -30.58 -25.09 -21.71
CA GLY D 46 -30.68 -24.99 -23.17
C GLY D 46 -31.61 -23.88 -23.65
N VAL D 47 -31.92 -22.92 -22.79
CA VAL D 47 -32.88 -21.88 -23.15
C VAL D 47 -32.13 -20.61 -23.60
N ASN D 48 -32.49 -20.08 -24.75
CA ASN D 48 -31.91 -18.81 -25.21
C ASN D 48 -32.74 -17.63 -24.75
N TYR D 49 -32.11 -16.51 -24.40
CA TYR D 49 -32.90 -15.34 -24.08
C TYR D 49 -32.05 -14.11 -24.44
N ARG D 50 -32.70 -12.95 -24.47
CA ARG D 50 -32.00 -11.68 -24.72
C ARG D 50 -32.54 -10.69 -23.73
N LEU D 51 -31.63 -10.07 -22.99
CA LEU D 51 -32.04 -9.08 -21.99
C LEU D 51 -31.74 -7.69 -22.54
N SER D 52 -32.70 -6.75 -22.52
CA SER D 52 -32.55 -5.38 -23.01
C SER D 52 -31.56 -4.61 -22.18
N ALA D 53 -31.16 -3.44 -22.71
CA ALA D 53 -30.25 -2.49 -22.06
C ALA D 53 -30.71 -2.12 -20.65
N ASP D 54 -32.01 -1.87 -20.43
CA ASP D 54 -32.40 -1.51 -19.03
C ASP D 54 -32.59 -2.70 -18.09
N LYS D 55 -32.32 -3.91 -18.58
CA LYS D 55 -32.38 -5.15 -17.76
C LYS D 55 -33.77 -5.48 -17.25
N THR D 56 -34.78 -4.87 -17.82
CA THR D 56 -36.12 -5.14 -17.37
C THR D 56 -36.99 -5.74 -18.49
N THR D 57 -36.49 -5.73 -19.73
CA THR D 57 -37.23 -6.36 -20.82
C THR D 57 -36.41 -7.57 -21.22
N CYS D 58 -37.02 -8.75 -21.20
CA CYS D 58 -36.32 -10.01 -21.56
C CYS D 58 -37.13 -10.82 -22.61
N GLU D 59 -36.50 -11.20 -23.73
CA GLU D 59 -37.18 -12.09 -24.66
C GLU D 59 -36.61 -13.50 -24.45
N VAL D 60 -37.48 -14.43 -24.18
CA VAL D 60 -37.13 -15.82 -23.95
C VAL D 60 -37.71 -16.68 -25.07
N GLU D 61 -36.83 -17.44 -25.72
CA GLU D 61 -37.23 -18.41 -26.74
CA GLU D 61 -37.23 -18.41 -26.74
C GLU D 61 -37.64 -19.71 -26.03
N GLY D 62 -38.94 -19.96 -25.96
CA GLY D 62 -39.45 -21.14 -25.26
C GLY D 62 -39.13 -22.47 -25.91
N LEU D 63 -39.01 -23.50 -25.07
CA LEU D 63 -38.68 -24.87 -25.54
C LEU D 63 -39.93 -25.63 -25.91
N GLY D 64 -41.10 -25.09 -25.50
CA GLY D 64 -42.35 -25.75 -25.85
C GLY D 64 -42.55 -27.06 -25.10
N GLN D 65 -41.64 -27.46 -24.21
CA GLN D 65 -41.76 -28.78 -23.53
C GLN D 65 -40.83 -28.80 -22.29
N ALA D 66 -40.83 -29.90 -21.53
CA ALA D 66 -40.01 -30.06 -20.34
C ALA D 66 -38.52 -30.06 -20.80
N PHE D 67 -37.61 -29.86 -19.86
CA PHE D 67 -36.18 -29.77 -20.13
C PHE D 67 -35.68 -31.16 -20.46
N HIS D 68 -34.62 -31.20 -21.26
CA HIS D 68 -34.06 -32.49 -21.72
C HIS D 68 -32.62 -32.25 -21.70
N THR D 69 -31.90 -32.85 -20.76
CA THR D 69 -30.46 -32.62 -20.73
C THR D 69 -29.68 -33.94 -20.82
N THR D 70 -28.65 -33.94 -21.61
CA THR D 70 -27.87 -35.18 -21.84
C THR D 70 -26.60 -35.36 -21.01
N GLN D 71 -26.31 -34.43 -20.13
CA GLN D 71 -25.16 -34.58 -19.24
C GLN D 71 -25.70 -34.27 -17.84
N PRO D 72 -25.40 -35.11 -16.84
CA PRO D 72 -25.85 -34.88 -15.48
C PRO D 72 -25.35 -33.51 -15.01
N LEU D 73 -26.22 -32.74 -14.39
CA LEU D 73 -25.75 -31.42 -14.03
C LEU D 73 -26.23 -30.81 -12.73
N GLU D 74 -25.37 -29.99 -12.18
CA GLU D 74 -25.68 -29.28 -10.99
C GLU D 74 -26.19 -27.90 -11.37
N LEU D 75 -27.28 -27.49 -10.72
CA LEU D 75 -27.83 -26.16 -10.91
C LEU D 75 -27.67 -25.51 -9.54
N PHE D 76 -26.62 -24.71 -9.42
CA PHE D 76 -26.29 -24.01 -8.16
C PHE D 76 -27.01 -22.64 -8.22
N LEU D 77 -27.86 -22.36 -7.22
CA LEU D 77 -28.73 -21.17 -7.28
C LEU D 77 -28.49 -20.10 -6.18
N GLY D 78 -27.32 -20.12 -5.58
CA GLY D 78 -26.91 -19.11 -4.49
C GLY D 78 -28.02 -19.20 -3.44
N ASN D 79 -28.71 -18.11 -3.14
CA ASN D 79 -29.85 -18.24 -2.19
C ASN D 79 -31.19 -17.86 -2.85
N ALA D 80 -31.33 -18.16 -4.15
CA ALA D 80 -32.54 -17.73 -4.88
C ALA D 80 -33.67 -18.75 -4.67
N GLY D 81 -34.38 -18.65 -3.55
CA GLY D 81 -35.52 -19.60 -3.29
C GLY D 81 -36.60 -19.54 -4.35
N THR D 82 -36.79 -18.34 -4.96
CA THR D 82 -37.86 -18.14 -5.96
C THR D 82 -37.49 -18.79 -7.28
N ALA D 83 -36.26 -19.29 -7.41
CA ALA D 83 -35.85 -20.04 -8.61
C ALA D 83 -35.83 -21.50 -8.22
N MET D 84 -35.36 -21.79 -7.01
CA MET D 84 -35.25 -23.18 -6.58
CA MET D 84 -35.22 -23.17 -6.69
C MET D 84 -36.55 -23.91 -6.48
N ARG D 85 -37.57 -23.26 -5.87
CA ARG D 85 -38.84 -24.00 -5.66
C ARG D 85 -39.52 -24.38 -7.01
N PRO D 86 -39.68 -23.41 -7.93
CA PRO D 86 -40.31 -23.79 -9.18
C PRO D 86 -39.52 -24.76 -9.98
N LEU D 87 -38.20 -24.65 -9.93
CA LEU D 87 -37.39 -25.66 -10.66
C LEU D 87 -37.44 -27.05 -10.06
N ALA D 88 -37.55 -27.14 -8.73
CA ALA D 88 -37.60 -28.50 -8.06
C ALA D 88 -38.72 -29.31 -8.67
N ALA D 89 -39.88 -28.65 -8.90
CA ALA D 89 -41.00 -29.29 -9.56
C ALA D 89 -40.75 -29.43 -11.04
N ALA D 90 -40.36 -28.36 -11.75
CA ALA D 90 -40.23 -28.46 -13.24
C ALA D 90 -39.17 -29.48 -13.70
N LEU D 91 -38.11 -29.68 -12.94
CA LEU D 91 -37.07 -30.65 -13.38
C LEU D 91 -37.54 -32.12 -13.34
N CYS D 92 -38.58 -32.38 -12.57
CA CYS D 92 -39.14 -33.75 -12.54
C CYS D 92 -39.82 -34.14 -13.86
N LEU D 93 -40.13 -33.14 -14.68
CA LEU D 93 -41.02 -33.39 -15.82
C LEU D 93 -40.35 -33.96 -17.03
N GLY D 94 -39.07 -33.65 -17.23
CA GLY D 94 -38.43 -34.05 -18.47
C GLY D 94 -37.51 -35.22 -18.37
N GLN D 95 -36.34 -35.04 -18.94
CA GLN D 95 -35.37 -36.14 -18.94
C GLN D 95 -34.06 -35.55 -18.39
N GLY D 96 -33.38 -36.24 -17.49
CA GLY D 96 -32.11 -35.66 -17.02
C GLY D 96 -31.83 -36.01 -15.59
N ASP D 97 -30.57 -35.81 -15.19
CA ASP D 97 -30.09 -36.13 -13.83
C ASP D 97 -29.55 -34.78 -13.30
N TYR D 98 -30.21 -34.26 -12.24
CA TYR D 98 -29.89 -32.92 -11.73
C TYR D 98 -29.59 -32.92 -10.26
N VAL D 99 -28.72 -32.01 -9.84
CA VAL D 99 -28.52 -31.74 -8.43
C VAL D 99 -28.95 -30.30 -8.33
N LEU D 100 -29.93 -30.03 -7.47
CA LEU D 100 -30.46 -28.68 -7.36
C LEU D 100 -29.94 -28.21 -6.01
N THR D 101 -29.18 -27.13 -6.00
CA THR D 101 -28.53 -26.78 -4.77
C THR D 101 -28.26 -25.28 -4.72
N GLY D 102 -27.61 -24.84 -3.64
CA GLY D 102 -27.28 -23.45 -3.47
C GLY D 102 -26.32 -23.31 -2.28
N GLU D 103 -26.19 -22.08 -1.81
CA GLU D 103 -25.27 -21.79 -0.71
C GLU D 103 -25.85 -22.33 0.61
N PRO D 104 -25.03 -22.35 1.70
CA PRO D 104 -25.58 -22.93 2.97
C PRO D 104 -26.97 -22.38 3.39
N ARG D 105 -27.21 -21.05 3.23
CA ARG D 105 -28.54 -20.53 3.59
C ARG D 105 -29.67 -21.16 2.77
N MET D 106 -29.39 -21.54 1.52
CA MET D 106 -30.43 -22.21 0.68
C MET D 106 -30.73 -23.56 1.34
N LYS D 107 -29.70 -24.20 1.92
CA LYS D 107 -29.87 -25.50 2.54
C LYS D 107 -30.68 -25.46 3.84
N GLU D 108 -31.01 -24.26 4.27
CA GLU D 108 -31.81 -24.08 5.45
C GLU D 108 -33.28 -23.78 5.10
N ARG D 109 -33.63 -23.79 3.81
CA ARG D 109 -34.97 -23.52 3.36
C ARG D 109 -35.71 -24.86 3.27
N PRO D 110 -36.75 -25.09 4.11
CA PRO D 110 -37.56 -26.35 4.02
C PRO D 110 -38.16 -26.52 2.62
N ILE D 111 -38.21 -27.75 2.14
CA ILE D 111 -38.79 -28.04 0.82
CA ILE D 111 -38.80 -28.04 0.82
C ILE D 111 -39.59 -29.35 0.85
N GLY D 112 -39.61 -30.01 1.99
CA GLY D 112 -40.30 -31.29 2.12
C GLY D 112 -41.75 -31.35 1.72
N HIS D 113 -42.55 -30.31 1.98
CA HIS D 113 -43.95 -30.40 1.53
C HIS D 113 -44.06 -30.41 0.03
N LEU D 114 -43.15 -29.71 -0.65
CA LEU D 114 -43.17 -29.72 -2.13
C LEU D 114 -42.66 -31.08 -2.62
N VAL D 115 -41.57 -31.55 -2.04
CA VAL D 115 -41.09 -32.90 -2.43
C VAL D 115 -42.17 -33.99 -2.28
N ASP D 116 -42.88 -33.94 -1.15
CA ASP D 116 -43.99 -34.89 -0.85
C ASP D 116 -45.09 -34.85 -1.92
N ALA D 117 -45.50 -33.66 -2.35
CA ALA D 117 -46.51 -33.53 -3.37
C ALA D 117 -46.01 -34.14 -4.70
N LEU D 118 -44.74 -33.83 -5.06
CA LEU D 118 -44.15 -34.34 -6.29
C LEU D 118 -44.02 -35.86 -6.22
N ARG D 119 -43.65 -36.39 -5.08
CA ARG D 119 -43.52 -37.87 -4.94
C ARG D 119 -44.88 -38.56 -5.07
N GLN D 120 -45.93 -37.89 -4.63
CA GLN D 120 -47.27 -38.44 -4.80
C GLN D 120 -47.62 -38.61 -6.27
N ALA D 121 -47.07 -37.77 -7.15
CA ALA D 121 -47.32 -37.90 -8.61
C ALA D 121 -46.21 -38.66 -9.38
N GLY D 122 -45.37 -39.39 -8.65
CA GLY D 122 -44.40 -40.26 -9.29
C GLY D 122 -42.98 -39.74 -9.37
N ALA D 123 -42.67 -38.57 -8.80
CA ALA D 123 -41.33 -38.03 -8.88
C ALA D 123 -40.23 -38.86 -8.17
N GLN D 124 -39.02 -38.73 -8.70
CA GLN D 124 -37.85 -39.42 -8.18
C GLN D 124 -36.92 -38.30 -7.69
N ILE D 125 -36.97 -38.07 -6.37
CA ILE D 125 -36.24 -37.00 -5.72
C ILE D 125 -35.56 -37.57 -4.47
N GLU D 126 -34.27 -37.27 -4.30
CA GLU D 126 -33.57 -37.71 -3.14
C GLU D 126 -32.99 -36.49 -2.44
N TYR D 127 -32.94 -36.58 -1.12
CA TYR D 127 -32.32 -35.57 -0.27
C TYR D 127 -30.83 -36.00 -0.23
N LEU D 128 -29.93 -35.16 -0.68
CA LEU D 128 -28.50 -35.53 -0.68
C LEU D 128 -27.82 -35.30 0.65
N GLU D 129 -28.34 -34.39 1.44
CA GLU D 129 -27.77 -34.08 2.75
C GLU D 129 -28.79 -34.27 3.84
N GLN D 130 -29.51 -33.22 4.23
CA GLN D 130 -30.46 -33.35 5.29
C GLN D 130 -31.90 -33.60 4.78
N GLU D 131 -32.64 -34.55 5.37
CA GLU D 131 -34.04 -34.80 5.00
C GLU D 131 -34.86 -33.49 5.04
N ASN D 132 -35.74 -33.29 4.04
CA ASN D 132 -36.63 -32.12 3.93
C ASN D 132 -35.97 -30.80 3.51
N PHE D 133 -34.69 -30.85 3.10
CA PHE D 133 -33.99 -29.64 2.67
C PHE D 133 -33.22 -29.92 1.41
N PRO D 134 -32.89 -28.85 0.64
CA PRO D 134 -31.92 -28.95 -0.48
C PRO D 134 -30.58 -29.32 0.21
N PRO D 135 -29.61 -29.90 -0.53
CA PRO D 135 -29.70 -30.15 -1.98
C PRO D 135 -30.53 -31.37 -2.30
N LEU D 136 -31.11 -31.36 -3.50
CA LEU D 136 -31.88 -32.49 -3.99
C LEU D 136 -31.24 -33.01 -5.24
N ARG D 137 -31.35 -34.30 -5.45
CA ARG D 137 -31.00 -34.94 -6.69
C ARG D 137 -32.36 -35.34 -7.32
N ILE D 138 -32.58 -34.91 -8.54
CA ILE D 138 -33.85 -35.07 -9.22
C ILE D 138 -33.63 -35.72 -10.55
N GLN D 139 -34.38 -36.76 -10.84
CA GLN D 139 -34.25 -37.38 -12.14
C GLN D 139 -35.45 -36.97 -12.93
N GLY D 140 -35.29 -36.66 -14.20
CA GLY D 140 -36.50 -36.37 -15.00
C GLY D 140 -37.32 -37.66 -15.22
N THR D 141 -38.57 -37.66 -14.83
CA THR D 141 -39.33 -38.84 -15.03
C THR D 141 -40.70 -38.61 -15.70
N GLY D 142 -41.17 -37.35 -15.73
CA GLY D 142 -42.56 -37.01 -16.09
C GLY D 142 -43.33 -37.19 -14.78
N LEU D 143 -44.57 -36.71 -14.71
CA LEU D 143 -45.37 -36.87 -13.51
C LEU D 143 -46.64 -37.62 -13.99
N GLN D 144 -47.16 -38.47 -13.14
CA GLN D 144 -48.35 -39.29 -13.46
C GLN D 144 -49.62 -38.50 -13.34
N ALA D 145 -50.60 -38.91 -14.11
CA ALA D 145 -51.96 -38.44 -14.06
C ALA D 145 -52.51 -38.96 -12.72
N GLY D 146 -53.45 -38.26 -12.13
CA GLY D 146 -54.00 -38.76 -10.88
C GLY D 146 -54.17 -37.65 -9.85
N THR D 147 -54.61 -38.05 -8.67
CA THR D 147 -54.93 -37.13 -7.59
C THR D 147 -53.75 -36.99 -6.64
N VAL D 148 -53.51 -35.79 -6.15
CA VAL D 148 -52.50 -35.56 -5.12
C VAL D 148 -53.30 -34.85 -4.04
N THR D 149 -52.96 -35.10 -2.78
CA THR D 149 -53.67 -34.47 -1.67
C THR D 149 -52.70 -33.53 -1.04
N ILE D 150 -53.13 -32.29 -0.78
CA ILE D 150 -52.28 -31.24 -0.21
C ILE D 150 -52.96 -30.60 0.99
N ASP D 151 -52.22 -30.38 2.05
CA ASP D 151 -52.74 -29.77 3.25
C ASP D 151 -53.04 -28.29 2.94
N GLY D 152 -54.25 -27.87 3.31
CA GLY D 152 -54.68 -26.50 3.16
C GLY D 152 -53.74 -25.46 3.83
N SER D 153 -52.98 -25.87 4.86
CA SER D 153 -52.05 -24.95 5.51
C SER D 153 -50.69 -24.81 4.82
N ILE D 154 -50.47 -25.55 3.72
CA ILE D 154 -49.18 -25.52 3.01
C ILE D 154 -48.66 -24.13 2.64
N SER D 155 -47.35 -23.90 2.74
CA SER D 155 -46.82 -22.59 2.23
C SER D 155 -47.21 -22.47 0.77
N SER D 156 -47.74 -21.28 0.40
CA SER D 156 -48.20 -21.07 -0.95
C SER D 156 -47.15 -21.35 -2.03
N GLN D 157 -45.89 -21.11 -1.71
CA GLN D 157 -44.84 -21.24 -2.70
C GLN D 157 -44.70 -22.65 -3.18
N PHE D 158 -44.98 -23.60 -2.30
CA PHE D 158 -44.90 -25.01 -2.69
C PHE D 158 -46.08 -25.38 -3.59
N LEU D 159 -47.29 -25.01 -3.14
CA LEU D 159 -48.46 -25.30 -3.95
C LEU D 159 -48.29 -24.66 -5.37
N THR D 160 -47.81 -23.40 -5.42
CA THR D 160 -47.56 -22.71 -6.67
C THR D 160 -46.59 -23.52 -7.54
N ALA D 161 -45.46 -23.95 -6.96
CA ALA D 161 -44.46 -24.71 -7.74
C ALA D 161 -45.12 -25.97 -8.35
N PHE D 162 -45.88 -26.69 -7.55
CA PHE D 162 -46.50 -27.91 -8.06
C PHE D 162 -47.54 -27.57 -9.14
N LEU D 163 -48.39 -26.56 -8.90
CA LEU D 163 -49.38 -26.15 -9.89
C LEU D 163 -48.77 -25.88 -11.27
N MET D 164 -47.66 -25.13 -11.26
CA MET D 164 -47.02 -24.73 -12.53
C MET D 164 -46.45 -25.91 -13.32
N SER D 165 -46.02 -26.95 -12.62
CA SER D 165 -45.58 -28.15 -13.31
C SER D 165 -46.67 -29.12 -13.74
N ALA D 166 -47.82 -29.12 -13.02
CA ALA D 166 -48.90 -30.07 -13.25
C ALA D 166 -49.42 -30.30 -14.68
N PRO D 167 -49.56 -29.26 -15.46
CA PRO D 167 -50.09 -29.41 -16.79
C PRO D 167 -49.16 -30.21 -17.68
N LEU D 168 -47.89 -30.36 -17.33
CA LEU D 168 -46.99 -31.14 -18.19
C LEU D 168 -46.90 -32.59 -17.76
N ALA D 169 -47.78 -32.98 -16.82
CA ALA D 169 -47.88 -34.42 -16.42
C ALA D 169 -48.44 -35.28 -17.56
N GLN D 170 -48.50 -36.60 -17.35
CA GLN D 170 -48.91 -37.55 -18.40
C GLN D 170 -50.42 -37.51 -18.69
N GLY D 171 -51.20 -36.90 -17.81
CA GLY D 171 -52.65 -36.82 -17.97
C GLY D 171 -53.24 -35.88 -16.93
N LYS D 172 -54.52 -35.98 -16.74
CA LYS D 172 -55.23 -35.08 -15.82
C LYS D 172 -54.73 -35.17 -14.38
N VAL D 173 -54.48 -34.00 -13.79
CA VAL D 173 -53.98 -33.95 -12.41
C VAL D 173 -55.07 -33.28 -11.55
N THR D 174 -55.42 -33.93 -10.45
CA THR D 174 -56.39 -33.32 -9.53
C THR D 174 -55.66 -33.08 -8.23
N ILE D 175 -55.69 -31.85 -7.77
CA ILE D 175 -55.11 -31.54 -6.50
C ILE D 175 -56.25 -31.41 -5.51
N LYS D 176 -56.31 -32.30 -4.52
CA LYS D 176 -57.35 -32.20 -3.48
C LYS D 176 -56.78 -31.43 -2.25
N ILE D 177 -57.46 -30.38 -1.80
CA ILE D 177 -56.96 -29.64 -0.62
C ILE D 177 -57.61 -30.17 0.63
N VAL D 178 -56.81 -30.46 1.66
CA VAL D 178 -57.47 -30.87 2.93
C VAL D 178 -57.67 -29.62 3.74
N GLY D 179 -58.92 -29.33 4.10
CA GLY D 179 -59.23 -28.17 4.90
C GLY D 179 -59.39 -26.87 4.15
N GLU D 180 -59.01 -25.76 4.79
CA GLU D 180 -59.25 -24.44 4.19
C GLU D 180 -57.92 -23.93 3.66
N LEU D 181 -57.86 -23.71 2.36
CA LEU D 181 -56.62 -23.22 1.80
C LEU D 181 -56.27 -21.81 2.29
N VAL D 182 -55.02 -21.63 2.68
CA VAL D 182 -54.53 -20.30 3.09
C VAL D 182 -53.82 -19.63 1.92
N SER D 183 -53.52 -18.33 2.06
CA SER D 183 -52.80 -17.57 1.03
C SER D 183 -53.50 -17.63 -0.35
N LYS D 184 -54.83 -17.59 -0.32
CA LYS D 184 -55.61 -17.68 -1.59
C LYS D 184 -55.19 -16.61 -2.66
N PRO D 185 -54.94 -15.33 -2.24
CA PRO D 185 -54.50 -14.35 -3.26
C PRO D 185 -53.15 -14.72 -3.92
N TYR D 186 -52.24 -15.36 -3.17
CA TYR D 186 -50.95 -15.82 -3.77
C TYR D 186 -51.19 -16.93 -4.79
N ILE D 187 -52.08 -17.84 -4.48
CA ILE D 187 -52.46 -18.88 -5.41
C ILE D 187 -53.12 -18.25 -6.64
N ASP D 188 -53.99 -17.22 -6.43
CA ASP D 188 -54.63 -16.53 -7.57
C ASP D 188 -53.60 -15.95 -8.55
N ILE D 189 -52.53 -15.35 -8.04
CA ILE D 189 -51.47 -14.77 -8.88
C ILE D 189 -50.87 -15.90 -9.73
N THR D 190 -50.54 -17.02 -9.08
CA THR D 190 -49.98 -18.14 -9.85
C THR D 190 -50.97 -18.61 -10.89
N LEU D 191 -52.24 -18.74 -10.53
CA LEU D 191 -53.22 -19.25 -11.49
C LEU D 191 -53.37 -18.29 -12.69
N HIS D 192 -53.21 -17.02 -12.39
CA HIS D 192 -53.34 -16.00 -13.40
C HIS D 192 -52.19 -16.05 -14.37
N ILE D 193 -50.98 -16.20 -13.85
CA ILE D 193 -49.82 -16.33 -14.73
C ILE D 193 -49.98 -17.58 -15.64
N MET D 194 -50.39 -18.72 -15.07
CA MET D 194 -50.59 -19.93 -15.88
C MET D 194 -51.60 -19.71 -17.01
N GLU D 195 -52.71 -19.05 -16.68
CA GLU D 195 -53.73 -18.73 -17.65
C GLU D 195 -53.14 -17.87 -18.80
N GLN D 196 -52.33 -16.87 -18.47
CA GLN D 196 -51.77 -16.02 -19.52
CA GLN D 196 -51.72 -16.01 -19.50
C GLN D 196 -50.84 -16.81 -20.47
N PHE D 197 -50.23 -17.87 -19.95
CA PHE D 197 -49.39 -18.78 -20.72
C PHE D 197 -50.16 -19.96 -21.25
N GLY D 198 -51.48 -19.80 -21.27
CA GLY D 198 -52.39 -20.63 -22.02
C GLY D 198 -52.95 -21.86 -21.38
N VAL D 199 -52.78 -21.99 -20.06
CA VAL D 199 -53.18 -23.22 -19.37
C VAL D 199 -54.39 -22.98 -18.49
N GLN D 200 -55.37 -23.91 -18.55
CA GLN D 200 -56.55 -23.85 -17.71
C GLN D 200 -56.35 -24.69 -16.44
N VAL D 201 -56.77 -24.11 -15.31
CA VAL D 201 -56.84 -24.83 -14.05
C VAL D 201 -58.26 -24.64 -13.56
N ILE D 202 -58.99 -25.72 -13.40
CA ILE D 202 -60.35 -25.56 -12.83
C ILE D 202 -60.27 -25.46 -11.31
N ASN D 203 -60.86 -24.42 -10.77
CA ASN D 203 -60.82 -24.15 -9.35
C ASN D 203 -62.15 -24.36 -8.65
N HIS D 204 -62.28 -25.46 -7.92
CA HIS D 204 -63.53 -25.70 -7.22
C HIS D 204 -63.49 -25.08 -5.86
N ASP D 205 -63.64 -23.76 -5.83
CA ASP D 205 -63.72 -22.97 -4.57
C ASP D 205 -62.52 -23.23 -3.66
N TYR D 206 -61.35 -23.38 -4.25
CA TYR D 206 -60.12 -23.63 -3.50
C TYR D 206 -60.08 -24.93 -2.72
N GLN D 207 -60.99 -25.87 -3.01
CA GLN D 207 -61.00 -27.13 -2.31
C GLN D 207 -60.43 -28.18 -3.20
N GLU D 208 -60.48 -27.90 -4.49
CA GLU D 208 -59.98 -28.87 -5.43
C GLU D 208 -59.56 -28.13 -6.69
N PHE D 209 -58.39 -28.49 -7.25
CA PHE D 209 -57.94 -27.87 -8.48
C PHE D 209 -57.80 -28.99 -9.52
N VAL D 210 -58.32 -28.77 -10.72
CA VAL D 210 -58.25 -29.82 -11.71
C VAL D 210 -57.51 -29.28 -12.91
N ILE D 211 -56.47 -29.99 -13.36
CA ILE D 211 -55.71 -29.57 -14.52
C ILE D 211 -55.93 -30.60 -15.62
N PRO D 212 -56.82 -30.27 -16.59
CA PRO D 212 -57.20 -31.17 -17.73
C PRO D 212 -55.96 -31.66 -18.46
N ALA D 213 -56.04 -32.88 -18.95
CA ALA D 213 -54.95 -33.51 -19.69
C ALA D 213 -54.69 -32.82 -21.02
N GLY D 214 -53.47 -32.99 -21.52
CA GLY D 214 -53.19 -32.58 -22.88
C GLY D 214 -52.86 -31.14 -23.15
N GLN D 215 -52.63 -30.34 -22.11
CA GLN D 215 -52.31 -28.93 -22.35
C GLN D 215 -50.82 -28.71 -22.50
N SER D 216 -50.43 -27.54 -22.97
CA SER D 216 -49.02 -27.24 -23.01
C SER D 216 -48.94 -25.74 -22.85
N TYR D 217 -47.83 -25.21 -22.35
CA TYR D 217 -47.75 -23.73 -22.26
C TYR D 217 -47.48 -23.08 -23.65
N VAL D 218 -48.12 -21.93 -23.90
CA VAL D 218 -47.97 -21.21 -25.16
C VAL D 218 -47.69 -19.75 -24.84
N SER D 219 -46.67 -19.17 -25.50
CA SER D 219 -46.33 -17.78 -25.23
C SER D 219 -47.50 -16.82 -25.50
N PRO D 220 -47.73 -15.83 -24.61
CA PRO D 220 -48.80 -14.89 -24.93
C PRO D 220 -48.22 -13.75 -25.76
N GLY D 221 -46.95 -13.81 -26.11
CA GLY D 221 -46.36 -12.72 -26.88
C GLY D 221 -45.76 -11.79 -25.84
N GLN D 222 -46.52 -10.85 -25.31
CA GLN D 222 -45.95 -10.03 -24.26
C GLN D 222 -46.53 -10.42 -22.91
N PHE D 223 -45.69 -10.38 -21.86
CA PHE D 223 -46.15 -10.65 -20.50
C PHE D 223 -45.61 -9.55 -19.60
N LEU D 224 -46.49 -8.82 -18.91
CA LEU D 224 -46.10 -7.76 -17.97
C LEU D 224 -45.97 -8.35 -16.56
N VAL D 225 -44.80 -8.17 -15.96
CA VAL D 225 -44.53 -8.62 -14.56
C VAL D 225 -45.11 -7.55 -13.60
N GLU D 226 -46.05 -7.92 -12.76
CA GLU D 226 -46.67 -6.94 -11.78
C GLU D 226 -45.58 -6.53 -10.75
N GLY D 227 -45.84 -5.46 -10.01
CA GLY D 227 -44.92 -4.95 -8.96
C GLY D 227 -44.97 -5.70 -7.63
#